data_3AQB
#
_entry.id   3AQB
#
_cell.length_a   189.613
_cell.length_b   189.613
_cell.length_c   189.613
_cell.angle_alpha   90.00
_cell.angle_beta   90.00
_cell.angle_gamma   90.00
#
_symmetry.space_group_name_H-M   'I 21 3'
#
loop_
_entity.id
_entity.type
_entity.pdbx_description
1 polymer 'Component A of hexaprenyl diphosphate synthase'
2 polymer 'Component B of hexaprenyl diphosphate synthase'
3 non-polymer 'MAGNESIUM ION'
4 non-polymer 'CHLORIDE ION'
5 water water
#
loop_
_entity_poly.entity_id
_entity_poly.type
_entity_poly.pdbx_seq_one_letter_code
_entity_poly.pdbx_strand_id
1 'polypeptide(L)'
;GSGMMRYLHKIELELNRLTSRYPFFKKIAFDAEIIKLVDDLNVDENVKCAIVAIDTSMRMQDFINEDNKDSFVLSTDVLS
ALFYKYLSQPFYQHDFLVLTDCVSRINELKSIRATITDEIALHNINKQIHYMFIQPYMNNEKVVSYE
;
A,C
2 'polypeptide(L)'
;MIALSYKAFLNPYIIEVEKRLYECIQSDSETINKAAHHILSSGGKRVRPMFVLLSGFLNDTQKDDLIRTAVSLELVHMAS
LVHDDYIDNSDMRRGNTSVHIAFDKDTAIRTGHFLLARALQNIATINNSKFHQIFSKTILEVCFGEFDQMADRFNYPVSF
TAYLRRINRKTAILIEASCHLGALSSQLDEQSTYHIKQFGHCIGMSYQIIDDILDYTSDEATLGKPVGSDIRNGHITYPL
MAAIANLKEQDDDKLEAVVKHLTSTSDDEVYQYIVSQVKQYGIEPAELLSRKYGDKAKYHLSQLQDSNIKDYLEEIHEKM
LKRVY
;
B,D
#
# COMPACT_ATOMS: atom_id res chain seq x y z
N MET A 4 26.81 -2.40 20.07
CA MET A 4 25.55 -3.08 19.67
C MET A 4 25.77 -4.52 19.22
N MET A 5 25.08 -5.45 19.88
CA MET A 5 25.18 -6.87 19.54
C MET A 5 24.39 -7.21 18.28
N ARG A 6 24.69 -8.37 17.71
CA ARG A 6 24.03 -8.86 16.50
C ARG A 6 22.51 -8.90 16.66
N TYR A 7 22.04 -9.43 17.79
CA TYR A 7 20.62 -9.59 18.04
C TYR A 7 19.91 -8.23 18.13
N LEU A 8 20.64 -7.23 18.59
CA LEU A 8 20.08 -5.89 18.75
C LEU A 8 19.87 -5.24 17.39
N HIS A 9 20.81 -5.46 16.46
CA HIS A 9 20.65 -4.99 15.09
C HIS A 9 19.43 -5.63 14.46
N LYS A 10 19.28 -6.94 14.69
CA LYS A 10 18.16 -7.70 14.13
C LYS A 10 16.81 -7.12 14.52
N ILE A 11 16.61 -6.91 15.82
CA ILE A 11 15.33 -6.39 16.30
C ILE A 11 15.12 -4.93 15.89
N GLU A 12 16.15 -4.10 16.06
CA GLU A 12 16.05 -2.70 15.66
C GLU A 12 15.73 -2.56 14.17
N LEU A 13 16.32 -3.41 13.34
CA LEU A 13 16.05 -3.37 11.91
C LEU A 13 14.57 -3.62 11.65
N GLU A 14 14.00 -4.62 12.33
CA GLU A 14 12.60 -4.96 12.13
C GLU A 14 11.66 -3.91 12.71
N LEU A 15 12.05 -3.30 13.82
CA LEU A 15 11.22 -2.26 14.44
C LEU A 15 11.23 -0.98 13.62
N ASN A 16 12.40 -0.61 13.11
CA ASN A 16 12.53 0.57 12.26
C ASN A 16 11.76 0.39 10.95
N ARG A 17 11.66 -0.85 10.48
CA ARG A 17 10.87 -1.15 9.29
C ARG A 17 9.38 -1.01 9.55
N LEU A 18 8.96 -1.37 10.75
CA LEU A 18 7.55 -1.24 11.13
C LEU A 18 7.15 0.23 11.27
N THR A 19 7.97 1.02 11.96
CA THR A 19 7.68 2.44 12.10
C THR A 19 7.62 3.12 10.73
N SER A 20 8.47 2.66 9.82
CA SER A 20 8.53 3.22 8.48
C SER A 20 7.30 2.86 7.66
N ARG A 21 6.70 1.72 7.98
CA ARG A 21 5.56 1.22 7.23
C ARG A 21 4.23 1.60 7.88
N TYR A 22 4.16 1.44 9.20
CA TYR A 22 2.93 1.71 9.94
C TYR A 22 3.09 2.91 10.87
N PRO A 23 2.53 4.06 10.46
CA PRO A 23 2.67 5.29 11.24
C PRO A 23 2.09 5.20 12.65
N PHE A 24 1.18 4.25 12.87
CA PHE A 24 0.59 4.10 14.20
C PHE A 24 1.39 3.17 15.12
N PHE A 25 2.52 2.66 14.64
CA PHE A 25 3.42 1.93 15.52
C PHE A 25 4.43 2.87 16.14
N LYS A 26 4.52 2.85 17.47
CA LYS A 26 5.44 3.71 18.20
C LYS A 26 6.53 2.87 18.83
N LYS A 27 7.77 3.16 18.47
CA LYS A 27 8.92 2.43 19.01
C LYS A 27 9.61 3.25 20.10
N ILE A 28 9.39 2.86 21.35
CA ILE A 28 10.06 3.49 22.48
C ILE A 28 11.41 2.85 22.70
N ALA A 29 12.28 3.51 23.46
CA ALA A 29 13.62 3.01 23.72
C ALA A 29 13.59 1.77 24.62
N PHE A 30 14.40 0.78 24.29
CA PHE A 30 14.54 -0.41 25.12
C PHE A 30 15.13 -0.02 26.48
N ASP A 31 14.74 -0.74 27.53
CA ASP A 31 15.32 -0.52 28.84
C ASP A 31 16.82 -0.80 28.79
N ALA A 32 17.61 0.19 29.18
CA ALA A 32 19.08 0.10 29.08
C ALA A 32 19.67 -1.04 29.91
N GLU A 33 19.19 -1.17 31.14
CA GLU A 33 19.68 -2.21 32.03
C GLU A 33 19.34 -3.59 31.47
N ILE A 34 18.14 -3.74 30.93
CA ILE A 34 17.71 -5.02 30.37
C ILE A 34 18.53 -5.40 29.14
N ILE A 35 18.93 -4.42 28.35
CA ILE A 35 19.78 -4.65 27.20
C ILE A 35 21.15 -5.20 27.63
N LYS A 36 21.81 -4.48 28.53
CA LYS A 36 23.11 -4.92 29.06
C LYS A 36 23.07 -6.38 29.51
N LEU A 37 22.05 -6.75 30.27
CA LEU A 37 21.93 -8.12 30.76
C LEU A 37 21.72 -9.11 29.61
N VAL A 38 20.77 -8.79 28.74
CA VAL A 38 20.48 -9.65 27.60
C VAL A 38 21.71 -9.86 26.73
N ASP A 39 22.52 -8.82 26.58
CA ASP A 39 23.76 -8.89 25.83
C ASP A 39 24.60 -10.11 26.23
N ASP A 40 24.62 -10.41 27.54
CA ASP A 40 25.50 -11.44 28.07
C ASP A 40 24.80 -12.75 28.37
N LEU A 41 23.51 -12.82 28.05
CA LEU A 41 22.74 -14.04 28.24
C LEU A 41 23.25 -15.19 27.37
N ASN A 42 23.23 -16.39 27.92
CA ASN A 42 23.66 -17.57 27.20
C ASN A 42 22.51 -18.22 26.42
N VAL A 43 22.01 -17.51 25.42
CA VAL A 43 20.95 -18.02 24.55
C VAL A 43 21.14 -17.53 23.12
N ASP A 44 20.36 -18.09 22.21
CA ASP A 44 20.42 -17.72 20.79
C ASP A 44 19.98 -16.29 20.51
N GLU A 45 20.31 -15.83 19.31
CA GLU A 45 19.94 -14.51 18.83
C GLU A 45 18.42 -14.34 18.85
N ASN A 46 17.70 -15.38 18.43
CA ASN A 46 16.25 -15.32 18.37
C ASN A 46 15.60 -15.16 19.74
N VAL A 47 16.08 -15.90 20.72
CA VAL A 47 15.56 -15.82 22.07
C VAL A 47 15.78 -14.43 22.65
N LYS A 48 16.94 -13.86 22.36
CA LYS A 48 17.26 -12.52 22.84
C LYS A 48 16.30 -11.48 22.25
N CYS A 49 15.95 -11.66 20.98
CA CYS A 49 15.01 -10.75 20.33
C CYS A 49 13.63 -10.86 20.96
N ALA A 50 13.17 -12.10 21.16
CA ALA A 50 11.89 -12.35 21.81
C ALA A 50 11.83 -11.67 23.18
N ILE A 51 12.91 -11.82 23.94
CA ILE A 51 12.96 -11.25 25.28
C ILE A 51 12.83 -9.74 25.23
N VAL A 52 13.67 -9.10 24.43
CA VAL A 52 13.61 -7.65 24.29
C VAL A 52 12.25 -7.21 23.77
N ALA A 53 11.68 -7.98 22.85
CA ALA A 53 10.37 -7.68 22.31
C ALA A 53 9.32 -7.64 23.41
N ILE A 54 9.23 -8.73 24.16
CA ILE A 54 8.20 -8.88 25.19
C ILE A 54 8.45 -7.98 26.40
N ASP A 55 9.72 -7.72 26.70
CA ASP A 55 10.04 -6.83 27.79
C ASP A 55 9.59 -5.41 27.48
N THR A 56 9.86 -4.98 26.26
CA THR A 56 9.46 -3.64 25.85
C THR A 56 7.94 -3.57 25.74
N SER A 57 7.34 -4.66 25.29
CA SER A 57 5.89 -4.75 25.18
C SER A 57 5.20 -4.40 26.50
N MET A 58 5.64 -5.05 27.58
CA MET A 58 5.01 -4.89 28.88
C MET A 58 5.29 -3.53 29.53
N ARG A 59 6.45 -2.97 29.23
CA ARG A 59 6.81 -1.67 29.79
C ARG A 59 5.99 -0.57 29.10
N MET A 60 5.54 -0.83 27.88
CA MET A 60 4.69 0.12 27.17
C MET A 60 3.32 0.25 27.81
N GLN A 61 2.90 -0.80 28.52
CA GLN A 61 1.60 -0.81 29.20
C GLN A 61 1.42 0.43 30.07
N ASP A 62 2.49 0.83 30.73
CA ASP A 62 2.44 1.87 31.76
C ASP A 62 2.30 3.27 31.18
N PHE A 63 2.54 3.41 29.88
CA PHE A 63 2.52 4.71 29.23
C PHE A 63 1.23 4.98 28.45
N ILE A 64 0.31 4.02 28.48
CA ILE A 64 -0.93 4.11 27.69
C ILE A 64 -1.99 5.04 28.29
N ASN A 65 -2.32 6.11 27.55
CA ASN A 65 -3.37 7.05 27.95
C ASN A 65 -4.55 6.97 27.00
N GLU A 66 -5.49 7.90 27.17
CA GLU A 66 -6.58 8.07 26.21
C GLU A 66 -6.03 8.79 24.99
N ASP A 67 -4.95 9.54 25.19
CA ASP A 67 -4.38 10.36 24.13
C ASP A 67 -3.39 9.62 23.24
N ASN A 68 -3.03 8.39 23.60
CA ASN A 68 -2.09 7.62 22.80
C ASN A 68 -2.44 6.15 22.68
N LYS A 69 -3.65 5.78 23.07
CA LYS A 69 -4.07 4.38 23.09
C LYS A 69 -4.23 3.76 21.69
N ASP A 70 -4.71 4.54 20.74
CA ASP A 70 -4.89 3.99 19.39
C ASP A 70 -3.53 3.80 18.71
N SER A 71 -2.48 4.24 19.40
CA SER A 71 -1.12 3.98 18.96
C SER A 71 -0.48 2.92 19.85
N PHE A 72 -0.45 3.22 21.15
CA PHE A 72 0.30 2.41 22.11
C PHE A 72 -0.21 0.98 22.32
N VAL A 73 -1.53 0.81 22.43
CA VAL A 73 -2.09 -0.52 22.63
C VAL A 73 -1.66 -1.47 21.53
N LEU A 74 -1.92 -1.08 20.29
CA LEU A 74 -1.58 -1.90 19.13
C LEU A 74 -0.08 -2.15 19.05
N SER A 75 0.71 -1.18 19.50
CA SER A 75 2.15 -1.31 19.47
C SER A 75 2.63 -2.38 20.44
N THR A 76 2.05 -2.43 21.63
CA THR A 76 2.40 -3.47 22.59
C THR A 76 1.99 -4.83 22.05
N ASP A 77 0.97 -4.84 21.20
CA ASP A 77 0.45 -6.08 20.65
C ASP A 77 1.30 -6.67 19.52
N VAL A 78 1.87 -5.82 18.65
CA VAL A 78 2.82 -6.32 17.66
C VAL A 78 4.07 -6.83 18.36
N LEU A 79 4.53 -6.07 19.35
CA LEU A 79 5.70 -6.45 20.11
C LEU A 79 5.51 -7.82 20.75
N SER A 80 4.29 -8.10 21.20
CA SER A 80 3.96 -9.42 21.72
C SER A 80 3.95 -10.47 20.62
N ALA A 81 3.49 -10.07 19.44
CA ALA A 81 3.41 -10.96 18.29
C ALA A 81 4.82 -11.27 17.74
N LEU A 82 5.67 -10.25 17.76
CA LEU A 82 7.05 -10.43 17.35
C LEU A 82 7.74 -11.40 18.30
N PHE A 83 7.46 -11.23 19.59
CA PHE A 83 7.96 -12.12 20.61
C PHE A 83 7.66 -13.57 20.23
N TYR A 84 6.42 -13.80 19.80
CA TYR A 84 5.97 -15.14 19.43
C TYR A 84 6.60 -15.59 18.11
N LYS A 85 6.83 -14.64 17.21
CA LYS A 85 7.46 -14.95 15.94
C LYS A 85 8.90 -15.43 16.14
N TYR A 86 9.66 -14.72 16.97
CA TYR A 86 11.07 -15.03 17.17
C TYR A 86 11.34 -16.43 17.71
N LEU A 87 10.37 -17.00 18.41
CA LEU A 87 10.55 -18.30 19.04
C LEU A 87 9.84 -19.41 18.28
N SER A 88 9.44 -19.13 17.04
CA SER A 88 8.59 -20.05 16.30
C SER A 88 9.32 -20.87 15.23
N GLN A 89 10.39 -20.32 14.65
CA GLN A 89 11.13 -21.00 13.59
C GLN A 89 12.63 -20.77 13.70
N PRO A 90 13.35 -21.72 14.31
CA PRO A 90 12.77 -22.97 14.81
C PRO A 90 12.05 -22.76 16.14
N PHE A 91 11.14 -23.66 16.47
CA PHE A 91 10.39 -23.58 17.71
C PHE A 91 11.27 -23.83 18.93
N TYR A 92 11.40 -22.81 19.78
CA TYR A 92 12.14 -22.92 21.03
C TYR A 92 11.20 -23.29 22.17
N GLN A 93 10.88 -24.58 22.28
CA GLN A 93 9.86 -25.04 23.21
C GLN A 93 10.07 -24.60 24.66
N HIS A 94 11.28 -24.82 25.19
CA HIS A 94 11.55 -24.50 26.60
C HIS A 94 11.49 -23.00 26.87
N ASP A 95 12.11 -22.22 26.00
CA ASP A 95 12.09 -20.76 26.15
C ASP A 95 10.68 -20.24 26.00
N PHE A 96 9.90 -20.89 25.14
CA PHE A 96 8.52 -20.50 24.90
C PHE A 96 7.65 -20.78 26.13
N LEU A 97 7.83 -21.97 26.72
CA LEU A 97 7.10 -22.32 27.94
C LEU A 97 7.44 -21.36 29.08
N VAL A 98 8.72 -21.03 29.19
CA VAL A 98 9.19 -20.15 30.26
C VAL A 98 8.70 -18.72 30.11
N LEU A 99 8.90 -18.15 28.92
CA LEU A 99 8.61 -16.73 28.71
C LEU A 99 7.12 -16.41 28.63
N THR A 100 6.32 -17.34 28.13
CA THR A 100 4.87 -17.15 28.11
C THR A 100 4.34 -17.21 29.54
N ASP A 101 5.00 -17.99 30.37
CA ASP A 101 4.67 -18.02 31.79
C ASP A 101 4.97 -16.66 32.41
N CYS A 102 6.14 -16.11 32.08
CA CYS A 102 6.53 -14.80 32.56
C CYS A 102 5.52 -13.73 32.18
N VAL A 103 4.87 -13.91 31.03
CA VAL A 103 3.91 -12.92 30.53
C VAL A 103 2.66 -12.87 31.42
N SER A 104 2.05 -14.02 31.66
CA SER A 104 0.89 -14.07 32.54
C SER A 104 1.24 -13.62 33.96
N ARG A 105 2.43 -13.98 34.42
CA ARG A 105 2.85 -13.63 35.78
C ARG A 105 3.12 -12.15 35.96
N ILE A 106 3.71 -11.51 34.95
CA ILE A 106 4.01 -10.09 35.06
C ILE A 106 2.74 -9.25 35.06
N ASN A 107 1.72 -9.72 34.35
CA ASN A 107 0.42 -9.06 34.36
C ASN A 107 -0.29 -9.28 35.69
N GLU A 108 -0.09 -10.45 36.27
CA GLU A 108 -0.61 -10.76 37.59
C GLU A 108 0.05 -9.90 38.68
N LEU A 109 1.37 -9.74 38.58
CA LEU A 109 2.11 -8.95 39.55
C LEU A 109 1.72 -7.47 39.49
N LYS A 110 1.54 -6.97 38.28
CA LYS A 110 1.16 -5.56 38.08
C LYS A 110 -0.25 -5.28 38.59
N SER A 111 -1.13 -6.27 38.47
CA SER A 111 -2.49 -6.13 38.95
C SER A 111 -2.52 -6.02 40.47
N ILE A 112 -1.82 -6.94 41.13
CA ILE A 112 -1.74 -6.93 42.59
C ILE A 112 -0.96 -5.72 43.11
N ARG A 113 -0.03 -5.22 42.29
CA ARG A 113 0.77 -4.05 42.67
C ARG A 113 -0.13 -2.83 42.86
N ALA A 114 -1.25 -2.81 42.14
CA ALA A 114 -2.17 -1.68 42.19
C ALA A 114 -2.79 -1.53 43.58
N THR A 115 -3.03 -2.66 44.23
CA THR A 115 -3.68 -2.67 45.53
C THR A 115 -2.69 -2.94 46.67
N ILE A 116 -1.66 -2.11 46.76
CA ILE A 116 -0.68 -2.22 47.84
C ILE A 116 0.15 -0.94 47.94
N THR A 117 0.25 -0.39 49.14
CA THR A 117 0.95 0.87 49.34
C THR A 117 2.17 0.71 50.24
N ASP A 118 2.35 -0.50 50.78
CA ASP A 118 3.49 -0.78 51.66
C ASP A 118 4.82 -0.56 50.95
N GLU A 119 5.76 0.07 51.65
CA GLU A 119 7.07 0.41 51.09
C GLU A 119 7.82 -0.81 50.57
N ILE A 120 8.23 -1.69 51.48
CA ILE A 120 9.04 -2.84 51.11
C ILE A 120 8.30 -3.81 50.19
N ALA A 121 6.98 -3.84 50.29
CA ALA A 121 6.16 -4.70 49.44
C ALA A 121 6.14 -4.16 48.01
N LEU A 122 6.17 -2.84 47.88
CA LEU A 122 6.14 -2.20 46.58
C LEU A 122 7.53 -2.25 45.93
N HIS A 123 8.55 -2.06 46.75
CA HIS A 123 9.93 -2.12 46.29
C HIS A 123 10.24 -3.51 45.74
N ASN A 124 9.78 -4.53 46.44
CA ASN A 124 10.07 -5.91 46.04
C ASN A 124 9.30 -6.38 44.81
N ILE A 125 8.00 -6.08 44.77
CA ILE A 125 7.19 -6.51 43.64
C ILE A 125 7.61 -5.78 42.37
N ASN A 126 8.05 -4.52 42.51
CA ASN A 126 8.58 -3.77 41.40
C ASN A 126 9.86 -4.41 40.86
N LYS A 127 10.70 -4.88 41.78
CA LYS A 127 11.92 -5.56 41.41
C LYS A 127 11.60 -6.81 40.58
N GLN A 128 10.65 -7.59 41.08
CA GLN A 128 10.25 -8.82 40.42
C GLN A 128 9.67 -8.53 39.03
N ILE A 129 9.00 -7.39 38.90
CA ILE A 129 8.38 -6.99 37.65
C ILE A 129 9.43 -6.53 36.63
N HIS A 130 10.39 -5.77 37.13
CA HIS A 130 11.45 -5.21 36.30
C HIS A 130 12.41 -6.25 35.75
N TYR A 131 12.55 -7.38 36.46
CA TYR A 131 13.47 -8.44 36.06
C TYR A 131 12.74 -9.70 35.60
N MET A 132 11.45 -9.56 35.37
CA MET A 132 10.60 -10.71 35.04
C MET A 132 11.17 -11.64 33.97
N PHE A 133 11.53 -11.09 32.81
CA PHE A 133 11.87 -11.93 31.65
C PHE A 133 13.32 -12.38 31.61
N ILE A 134 14.15 -11.82 32.49
CA ILE A 134 15.58 -12.14 32.48
C ILE A 134 16.01 -13.04 33.64
N GLN A 135 15.20 -13.10 34.70
CA GLN A 135 15.56 -13.89 35.88
C GLN A 135 15.72 -15.38 35.57
N PRO A 136 14.79 -15.96 34.81
CA PRO A 136 14.80 -17.38 34.50
C PRO A 136 16.08 -17.80 33.79
N TYR A 137 16.86 -16.81 33.36
CA TYR A 137 18.12 -17.09 32.66
C TYR A 137 19.31 -16.62 33.50
N MET A 138 19.12 -16.60 34.82
CA MET A 138 20.20 -16.22 35.73
C MET A 138 20.16 -17.04 37.01
N SER B 5 -27.77 -32.29 14.03
CA SER B 5 -27.21 -31.03 13.47
C SER B 5 -25.77 -30.84 13.94
N TYR B 6 -25.19 -29.69 13.60
CA TYR B 6 -23.80 -29.42 13.96
C TYR B 6 -23.62 -29.16 15.46
N LYS B 7 -24.66 -28.63 16.08
CA LYS B 7 -24.64 -28.40 17.53
C LYS B 7 -24.69 -29.72 18.29
N ALA B 8 -25.30 -30.72 17.66
CA ALA B 8 -25.42 -32.04 18.28
C ALA B 8 -24.07 -32.76 18.33
N PHE B 9 -23.41 -32.85 17.19
CA PHE B 9 -22.15 -33.59 17.08
C PHE B 9 -21.00 -32.91 17.82
N LEU B 10 -21.02 -31.59 17.88
CA LEU B 10 -19.93 -30.83 18.51
C LEU B 10 -20.18 -30.56 19.99
N ASN B 11 -21.40 -30.84 20.45
CA ASN B 11 -21.79 -30.52 21.81
C ASN B 11 -20.80 -31.01 22.88
N PRO B 12 -20.42 -32.30 22.79
CA PRO B 12 -19.48 -32.86 23.77
C PRO B 12 -18.16 -32.11 23.79
N TYR B 13 -17.67 -31.73 22.61
CA TYR B 13 -16.41 -31.01 22.50
C TYR B 13 -16.54 -29.57 22.96
N ILE B 14 -17.66 -28.94 22.61
CA ILE B 14 -17.90 -27.56 22.98
C ILE B 14 -17.80 -27.33 24.49
N ILE B 15 -18.44 -28.21 25.26
CA ILE B 15 -18.42 -28.09 26.71
C ILE B 15 -17.04 -28.42 27.27
N GLU B 16 -16.31 -29.26 26.54
CA GLU B 16 -14.95 -29.62 26.93
C GLU B 16 -14.01 -28.42 26.80
N VAL B 17 -14.06 -27.75 25.65
CA VAL B 17 -13.23 -26.57 25.42
C VAL B 17 -13.65 -25.44 26.36
N GLU B 18 -14.96 -25.35 26.60
CA GLU B 18 -15.48 -24.34 27.52
C GLU B 18 -14.92 -24.58 28.92
N LYS B 19 -14.88 -25.84 29.33
CA LYS B 19 -14.34 -26.20 30.63
C LYS B 19 -12.87 -25.81 30.69
N ARG B 20 -12.11 -26.17 29.65
CA ARG B 20 -10.69 -25.85 29.60
C ARG B 20 -10.46 -24.35 29.53
N LEU B 21 -11.33 -23.64 28.83
CA LEU B 21 -11.24 -22.18 28.75
C LEU B 21 -11.27 -21.55 30.13
N TYR B 22 -12.11 -22.07 31.01
CA TYR B 22 -12.21 -21.55 32.36
C TYR B 22 -11.00 -21.95 33.21
N GLU B 23 -10.46 -23.13 32.91
CA GLU B 23 -9.23 -23.57 33.57
C GLU B 23 -8.08 -22.62 33.23
N CYS B 24 -7.99 -22.24 31.96
CA CYS B 24 -6.90 -21.41 31.48
C CYS B 24 -6.89 -20.01 32.09
N ILE B 25 -8.07 -19.51 32.45
CA ILE B 25 -8.18 -18.15 32.96
C ILE B 25 -7.94 -18.03 34.46
N GLN B 26 -7.98 -19.15 35.17
CA GLN B 26 -7.74 -19.14 36.60
C GLN B 26 -6.45 -18.38 36.91
N SER B 27 -6.47 -17.58 37.98
CA SER B 27 -5.32 -16.76 38.32
C SER B 27 -5.24 -16.42 39.81
N ASP B 28 -4.03 -16.48 40.36
CA ASP B 28 -3.80 -16.07 41.74
C ASP B 28 -3.96 -14.57 41.89
N SER B 29 -4.20 -13.89 40.77
CA SER B 29 -4.51 -12.47 40.80
C SER B 29 -6.02 -12.28 40.80
N GLU B 30 -6.51 -11.53 41.79
CA GLU B 30 -7.94 -11.34 41.99
C GLU B 30 -8.63 -10.67 40.79
N THR B 31 -8.19 -9.47 40.44
CA THR B 31 -8.83 -8.68 39.39
C THR B 31 -8.83 -9.39 38.03
N ILE B 32 -7.67 -9.92 37.65
CA ILE B 32 -7.51 -10.57 36.36
C ILE B 32 -8.48 -11.74 36.19
N ASN B 33 -8.55 -12.59 37.21
CA ASN B 33 -9.49 -13.71 37.20
C ASN B 33 -10.90 -13.20 36.93
N LYS B 34 -11.31 -12.18 37.69
CA LYS B 34 -12.63 -11.60 37.53
C LYS B 34 -12.82 -11.03 36.13
N ALA B 35 -11.80 -10.31 35.64
CA ALA B 35 -11.87 -9.69 34.33
C ALA B 35 -11.94 -10.73 33.21
N ALA B 36 -11.08 -11.73 33.28
CA ALA B 36 -11.07 -12.79 32.28
C ALA B 36 -12.42 -13.51 32.26
N HIS B 37 -12.95 -13.77 33.44
CA HIS B 37 -14.25 -14.42 33.57
C HIS B 37 -15.32 -13.54 32.93
N HIS B 38 -15.22 -12.23 33.15
CA HIS B 38 -16.22 -11.29 32.68
C HIS B 38 -16.47 -11.38 31.18
N ILE B 39 -15.41 -11.46 30.39
CA ILE B 39 -15.56 -11.52 28.94
C ILE B 39 -15.83 -12.94 28.46
N LEU B 40 -15.33 -13.92 29.20
CA LEU B 40 -15.56 -15.31 28.87
C LEU B 40 -17.02 -15.68 29.16
N SER B 41 -17.62 -14.97 30.11
CA SER B 41 -19.02 -15.18 30.47
C SER B 41 -19.94 -14.66 29.37
N SER B 42 -19.55 -13.54 28.77
CA SER B 42 -20.34 -12.93 27.70
C SER B 42 -20.71 -13.95 26.63
N GLY B 43 -21.84 -13.72 25.98
CA GLY B 43 -22.34 -14.62 24.96
C GLY B 43 -21.46 -14.68 23.72
N GLY B 44 -20.64 -15.71 23.63
CA GLY B 44 -19.83 -15.95 22.44
C GLY B 44 -20.34 -17.20 21.75
N LYS B 45 -20.41 -17.15 20.42
CA LYS B 45 -20.89 -18.28 19.63
C LYS B 45 -19.80 -19.34 19.46
N ARG B 46 -18.62 -19.07 20.01
CA ARG B 46 -17.48 -19.98 19.89
C ARG B 46 -17.32 -20.55 18.48
N VAL B 47 -17.49 -19.69 17.47
CA VAL B 47 -17.48 -20.13 16.08
C VAL B 47 -16.11 -20.63 15.62
N ARG B 48 -15.05 -20.14 16.24
CA ARG B 48 -13.69 -20.48 15.81
C ARG B 48 -13.25 -21.88 16.27
N PRO B 49 -13.52 -22.21 17.54
CA PRO B 49 -13.31 -23.58 17.98
C PRO B 49 -14.10 -24.56 17.10
N MET B 50 -15.30 -24.17 16.71
CA MET B 50 -16.14 -24.98 15.84
C MET B 50 -15.47 -25.30 14.52
N PHE B 51 -14.80 -24.32 13.93
CA PHE B 51 -14.10 -24.51 12.67
C PHE B 51 -12.86 -25.38 12.87
N VAL B 52 -12.21 -25.21 14.02
CA VAL B 52 -11.05 -26.03 14.35
C VAL B 52 -11.46 -27.50 14.43
N LEU B 53 -12.41 -27.80 15.32
CA LEU B 53 -12.88 -29.16 15.53
C LEU B 53 -13.29 -29.84 14.24
N LEU B 54 -14.12 -29.17 13.46
CA LEU B 54 -14.61 -29.72 12.20
C LEU B 54 -13.50 -29.96 11.19
N SER B 55 -12.46 -29.12 11.26
CA SER B 55 -11.32 -29.24 10.36
C SER B 55 -10.54 -30.52 10.64
N GLY B 56 -10.40 -30.85 11.93
CA GLY B 56 -9.70 -32.05 12.34
C GLY B 56 -10.50 -33.32 12.09
N PHE B 57 -11.81 -33.17 11.95
CA PHE B 57 -12.70 -34.32 11.74
C PHE B 57 -12.83 -34.70 10.27
N LEU B 58 -12.14 -33.98 9.40
CA LEU B 58 -12.18 -34.30 7.97
C LEU B 58 -11.48 -35.61 7.67
N ASN B 59 -10.55 -36.01 8.54
CA ASN B 59 -9.89 -37.29 8.41
C ASN B 59 -9.93 -38.08 9.73
N ASP B 60 -9.83 -39.40 9.63
CA ASP B 60 -9.92 -40.26 10.79
C ASP B 60 -8.68 -40.16 11.67
N THR B 61 -8.82 -39.55 12.84
CA THR B 61 -7.71 -39.39 13.78
C THR B 61 -8.14 -38.74 15.10
N GLN B 62 -7.58 -39.22 16.20
CA GLN B 62 -7.88 -38.67 17.52
C GLN B 62 -6.64 -38.10 18.20
N LYS B 63 -6.68 -36.82 18.54
CA LYS B 63 -5.54 -36.15 19.15
C LYS B 63 -5.95 -35.14 20.22
N ASP B 64 -5.14 -35.04 21.26
CA ASP B 64 -5.35 -34.06 22.32
C ASP B 64 -5.12 -32.66 21.76
N ASP B 65 -4.28 -32.58 20.74
CA ASP B 65 -3.91 -31.30 20.15
C ASP B 65 -5.11 -30.57 19.54
N LEU B 66 -6.03 -31.34 18.97
CA LEU B 66 -7.19 -30.76 18.29
C LEU B 66 -8.01 -29.86 19.20
N ILE B 67 -8.46 -30.39 20.33
CA ILE B 67 -9.31 -29.63 21.23
C ILE B 67 -8.54 -28.51 21.95
N ARG B 68 -7.25 -28.68 22.14
CA ARG B 68 -6.47 -27.66 22.82
C ARG B 68 -6.07 -26.52 21.90
N THR B 69 -6.09 -26.79 20.60
CA THR B 69 -5.91 -25.74 19.61
C THR B 69 -7.13 -24.83 19.63
N ALA B 70 -8.31 -25.46 19.64
CA ALA B 70 -9.56 -24.72 19.69
C ALA B 70 -9.60 -23.78 20.88
N VAL B 71 -9.05 -24.24 22.01
CA VAL B 71 -9.03 -23.44 23.23
C VAL B 71 -8.19 -22.19 23.07
N SER B 72 -7.01 -22.34 22.46
CA SER B 72 -6.09 -21.23 22.28
C SER B 72 -6.64 -20.18 21.30
N LEU B 73 -7.30 -20.65 20.24
CA LEU B 73 -7.89 -19.74 19.27
C LEU B 73 -8.97 -18.86 19.91
N GLU B 74 -9.77 -19.44 20.79
CA GLU B 74 -10.76 -18.66 21.52
C GLU B 74 -10.11 -17.61 22.41
N LEU B 75 -9.07 -18.02 23.13
CA LEU B 75 -8.37 -17.13 24.04
C LEU B 75 -7.76 -15.94 23.30
N VAL B 76 -7.23 -16.20 22.12
CA VAL B 76 -6.67 -15.14 21.29
C VAL B 76 -7.77 -14.21 20.81
N HIS B 77 -8.86 -14.80 20.32
CA HIS B 77 -10.00 -14.05 19.82
C HIS B 77 -10.51 -13.08 20.89
N MET B 78 -10.64 -13.58 22.12
CA MET B 78 -11.15 -12.77 23.22
C MET B 78 -10.14 -11.73 23.67
N ALA B 79 -8.86 -12.05 23.53
CA ALA B 79 -7.80 -11.11 23.87
C ALA B 79 -7.91 -9.84 23.01
N SER B 80 -8.19 -10.03 21.73
CA SER B 80 -8.32 -8.90 20.82
C SER B 80 -9.58 -8.08 21.11
N LEU B 81 -10.63 -8.75 21.58
CA LEU B 81 -11.88 -8.07 21.90
C LEU B 81 -11.72 -7.08 23.06
N VAL B 82 -11.09 -7.55 24.14
CA VAL B 82 -10.87 -6.70 25.30
C VAL B 82 -10.05 -5.45 24.92
N HIS B 83 -9.02 -5.66 24.10
CA HIS B 83 -8.19 -4.57 23.63
C HIS B 83 -8.95 -3.67 22.66
N ASP B 84 -9.69 -4.29 21.75
CA ASP B 84 -10.50 -3.57 20.77
C ASP B 84 -11.51 -2.65 21.44
N ASP B 85 -12.29 -3.22 22.36
CA ASP B 85 -13.33 -2.46 23.04
C ASP B 85 -12.76 -1.20 23.69
N TYR B 86 -11.61 -1.33 24.33
CA TYR B 86 -10.97 -0.18 24.99
C TYR B 86 -10.48 0.84 23.98
N ILE B 87 -9.89 0.37 22.88
CA ILE B 87 -9.37 1.25 21.85
C ILE B 87 -10.49 2.01 21.14
N ASP B 88 -11.57 1.32 20.85
CA ASP B 88 -12.67 1.90 20.08
C ASP B 88 -13.76 2.51 20.95
N ASN B 89 -13.53 2.49 22.27
CA ASN B 89 -14.46 3.07 23.23
C ASN B 89 -15.83 2.40 23.26
N SER B 90 -15.89 1.15 22.78
CA SER B 90 -17.14 0.40 22.80
C SER B 90 -17.49 -0.05 24.22
N ASP B 91 -18.45 0.64 24.83
CA ASP B 91 -18.75 0.44 26.24
C ASP B 91 -19.62 -0.80 26.52
N MET B 92 -20.21 -1.37 25.47
CA MET B 92 -21.11 -2.51 25.65
C MET B 92 -20.71 -3.70 24.79
N ARG B 93 -20.93 -4.91 25.31
CA ARG B 93 -20.58 -6.14 24.62
C ARG B 93 -21.74 -7.14 24.71
N ARG B 94 -22.63 -7.10 23.72
CA ARG B 94 -23.79 -7.98 23.69
C ARG B 94 -24.55 -8.00 25.03
N GLY B 95 -25.11 -6.86 25.40
CA GLY B 95 -25.88 -6.75 26.64
C GLY B 95 -25.00 -6.53 27.86
N ASN B 96 -23.87 -7.24 27.90
CA ASN B 96 -22.93 -7.12 29.00
C ASN B 96 -21.93 -6.00 28.78
N THR B 97 -21.57 -5.29 29.85
CA THR B 97 -20.62 -4.19 29.76
C THR B 97 -19.20 -4.70 29.47
N SER B 98 -18.39 -3.86 28.82
CA SER B 98 -17.03 -4.25 28.47
C SER B 98 -16.06 -4.08 29.64
N VAL B 99 -14.93 -4.77 29.56
CA VAL B 99 -13.99 -4.88 30.66
C VAL B 99 -13.46 -3.54 31.19
N HIS B 100 -13.10 -2.64 30.28
CA HIS B 100 -12.47 -1.38 30.70
C HIS B 100 -13.44 -0.48 31.47
N ILE B 101 -14.74 -0.68 31.26
CA ILE B 101 -15.75 0.09 31.97
C ILE B 101 -16.07 -0.56 33.32
N ALA B 102 -16.16 -1.88 33.33
CA ALA B 102 -16.48 -2.63 34.55
C ALA B 102 -15.34 -2.63 35.55
N PHE B 103 -14.12 -2.41 35.06
CA PHE B 103 -12.93 -2.39 35.90
C PHE B 103 -12.16 -1.08 35.73
N ASP B 104 -11.31 -1.04 34.71
CA ASP B 104 -10.57 0.18 34.36
C ASP B 104 -9.66 -0.08 33.17
N LYS B 105 -8.98 0.97 32.70
CA LYS B 105 -8.11 0.84 31.53
C LYS B 105 -7.00 -0.17 31.78
N ASP B 106 -6.30 -0.01 32.91
CA ASP B 106 -5.16 -0.86 33.24
C ASP B 106 -5.52 -2.35 33.26
N THR B 107 -6.69 -2.68 33.78
CA THR B 107 -7.13 -4.07 33.83
C THR B 107 -7.47 -4.56 32.42
N ALA B 108 -8.01 -3.65 31.61
CA ALA B 108 -8.39 -3.99 30.25
C ALA B 108 -7.16 -4.41 29.45
N ILE B 109 -6.10 -3.62 29.50
CA ILE B 109 -4.88 -3.92 28.78
C ILE B 109 -4.14 -5.13 29.36
N ARG B 110 -4.18 -5.27 30.69
CA ARG B 110 -3.55 -6.41 31.34
C ARG B 110 -4.25 -7.72 30.99
N THR B 111 -5.58 -7.70 30.97
CA THR B 111 -6.35 -8.91 30.74
C THR B 111 -6.11 -9.44 29.34
N GLY B 112 -6.03 -8.53 28.37
CA GLY B 112 -5.76 -8.91 27.00
C GLY B 112 -4.43 -9.63 26.87
N HIS B 113 -3.38 -9.04 27.43
CA HIS B 113 -2.06 -9.66 27.39
C HIS B 113 -2.04 -10.97 28.17
N PHE B 114 -2.87 -11.04 29.21
CA PHE B 114 -2.97 -12.24 30.03
C PHE B 114 -3.61 -13.38 29.25
N LEU B 115 -4.70 -13.07 28.56
CA LEU B 115 -5.40 -14.07 27.74
C LEU B 115 -4.48 -14.59 26.65
N LEU B 116 -3.73 -13.69 26.03
CA LEU B 116 -2.77 -14.05 24.99
C LEU B 116 -1.68 -14.95 25.55
N ALA B 117 -1.17 -14.60 26.72
CA ALA B 117 -0.15 -15.40 27.39
C ALA B 117 -0.62 -16.83 27.61
N ARG B 118 -1.79 -16.97 28.24
CA ARG B 118 -2.34 -18.28 28.54
C ARG B 118 -2.65 -19.06 27.26
N ALA B 119 -3.10 -18.34 26.24
CA ALA B 119 -3.36 -18.95 24.95
C ALA B 119 -2.08 -19.56 24.40
N LEU B 120 -0.98 -18.83 24.53
CA LEU B 120 0.32 -19.30 24.07
C LEU B 120 0.84 -20.43 24.94
N GLN B 121 0.59 -20.34 26.24
CA GLN B 121 0.92 -21.42 27.17
C GLN B 121 0.23 -22.71 26.75
N ASN B 122 -1.05 -22.60 26.41
CA ASN B 122 -1.87 -23.77 26.12
C ASN B 122 -1.38 -24.61 24.94
N ILE B 123 -0.71 -23.97 23.98
CA ILE B 123 -0.23 -24.67 22.79
C ILE B 123 1.29 -24.84 22.81
N ALA B 124 1.92 -24.45 23.90
CA ALA B 124 3.37 -24.59 24.02
C ALA B 124 3.77 -26.06 24.01
N THR B 125 2.80 -26.94 24.22
CA THR B 125 3.07 -28.37 24.27
C THR B 125 3.25 -28.96 22.88
N ILE B 126 2.61 -28.33 21.90
CA ILE B 126 2.67 -28.81 20.53
C ILE B 126 4.05 -28.52 19.93
N ASN B 127 4.90 -29.53 19.93
CA ASN B 127 6.27 -29.40 19.42
C ASN B 127 6.26 -29.45 17.89
N ASN B 128 5.87 -28.34 17.28
CA ASN B 128 5.70 -28.27 15.84
C ASN B 128 5.93 -26.84 15.33
N SER B 129 7.06 -26.63 14.67
CA SER B 129 7.44 -25.31 14.18
C SER B 129 6.44 -24.75 13.17
N LYS B 130 5.96 -25.59 12.29
CA LYS B 130 5.01 -25.15 11.26
C LYS B 130 3.73 -24.61 11.90
N PHE B 131 3.28 -25.29 12.94
CA PHE B 131 2.09 -24.89 13.68
C PHE B 131 2.26 -23.47 14.22
N HIS B 132 3.39 -23.23 14.87
CA HIS B 132 3.67 -21.93 15.46
C HIS B 132 3.94 -20.87 14.39
N GLN B 133 4.54 -21.27 13.28
CA GLN B 133 4.77 -20.35 12.17
C GLN B 133 3.46 -19.76 11.67
N ILE B 134 2.48 -20.64 11.45
CA ILE B 134 1.17 -20.23 10.97
C ILE B 134 0.43 -19.34 11.97
N PHE B 135 0.40 -19.78 13.23
CA PHE B 135 -0.34 -19.06 14.26
C PHE B 135 0.29 -17.69 14.54
N SER B 136 1.60 -17.67 14.72
CA SER B 136 2.30 -16.43 14.99
C SER B 136 2.23 -15.49 13.80
N LYS B 137 2.12 -16.06 12.61
CA LYS B 137 2.04 -15.25 11.41
C LYS B 137 0.68 -14.58 11.27
N THR B 138 -0.38 -15.29 11.65
CA THR B 138 -1.71 -14.72 11.52
C THR B 138 -1.93 -13.64 12.59
N ILE B 139 -1.42 -13.88 13.79
CA ILE B 139 -1.49 -12.88 14.86
C ILE B 139 -0.81 -11.59 14.42
N LEU B 140 0.35 -11.71 13.79
CA LEU B 140 1.05 -10.56 13.26
C LEU B 140 0.20 -9.84 12.20
N GLU B 141 -0.38 -10.62 11.29
CA GLU B 141 -1.19 -10.05 10.22
C GLU B 141 -2.36 -9.26 10.79
N VAL B 142 -2.99 -9.79 11.84
CA VAL B 142 -4.07 -9.09 12.51
C VAL B 142 -3.58 -7.73 13.02
N CYS B 143 -2.45 -7.72 13.71
CA CYS B 143 -1.85 -6.47 14.17
C CYS B 143 -1.62 -5.51 13.01
N PHE B 144 -1.04 -6.02 11.93
CA PHE B 144 -0.74 -5.21 10.75
C PHE B 144 -2.00 -4.55 10.20
N GLY B 145 -3.06 -5.35 10.08
CA GLY B 145 -4.35 -4.84 9.60
C GLY B 145 -4.89 -3.74 10.49
N GLU B 146 -4.68 -3.89 11.80
CA GLU B 146 -5.14 -2.88 12.75
C GLU B 146 -4.42 -1.55 12.57
N PHE B 147 -3.11 -1.61 12.31
CA PHE B 147 -2.35 -0.39 12.07
C PHE B 147 -2.87 0.39 10.86
N ASP B 148 -3.11 -0.33 9.77
CA ASP B 148 -3.58 0.29 8.54
C ASP B 148 -4.97 0.87 8.71
N GLN B 149 -5.86 0.11 9.33
CA GLN B 149 -7.20 0.57 9.60
C GLN B 149 -7.17 1.88 10.38
N MET B 150 -6.30 1.94 11.38
CA MET B 150 -6.17 3.14 12.20
C MET B 150 -5.69 4.32 11.35
N ALA B 151 -4.79 4.05 10.40
CA ALA B 151 -4.25 5.11 9.55
C ALA B 151 -5.22 5.51 8.43
N ASP B 152 -6.18 4.63 8.13
CA ASP B 152 -7.15 4.89 7.07
C ASP B 152 -8.37 5.65 7.57
N ARG B 153 -8.44 5.88 8.88
CA ARG B 153 -9.57 6.62 9.45
C ARG B 153 -9.62 8.03 8.89
N PHE B 154 -10.77 8.41 8.34
CA PHE B 154 -10.96 9.72 7.72
C PHE B 154 -9.90 10.03 6.66
N ASN B 155 -9.48 9.00 5.93
CA ASN B 155 -8.55 9.19 4.82
C ASN B 155 -9.08 8.57 3.55
N TYR B 156 -9.82 9.36 2.78
CA TYR B 156 -10.41 8.94 1.52
C TYR B 156 -9.49 9.36 0.38
N PRO B 157 -9.48 8.58 -0.71
CA PRO B 157 -10.20 7.32 -0.89
C PRO B 157 -9.45 6.11 -0.34
N VAL B 158 -10.18 5.02 -0.13
CA VAL B 158 -9.60 3.76 0.27
C VAL B 158 -9.82 2.77 -0.87
N SER B 159 -8.74 2.33 -1.49
CA SER B 159 -8.83 1.42 -2.64
C SER B 159 -9.58 0.14 -2.28
N PHE B 160 -10.11 -0.53 -3.30
CA PHE B 160 -10.81 -1.79 -3.12
C PHE B 160 -9.87 -2.87 -2.58
N THR B 161 -8.63 -2.84 -3.04
CA THR B 161 -7.62 -3.79 -2.59
C THR B 161 -7.30 -3.59 -1.11
N ALA B 162 -7.19 -2.33 -0.70
CA ALA B 162 -6.90 -2.02 0.69
C ALA B 162 -8.05 -2.45 1.60
N TYR B 163 -9.28 -2.32 1.13
CA TYR B 163 -10.44 -2.76 1.90
C TYR B 163 -10.45 -4.27 2.11
N LEU B 164 -10.30 -5.02 1.03
CA LEU B 164 -10.23 -6.48 1.12
C LEU B 164 -9.10 -6.90 2.06
N ARG B 165 -7.95 -6.27 1.92
CA ARG B 165 -6.81 -6.52 2.79
C ARG B 165 -7.20 -6.26 4.23
N ARG B 166 -7.92 -5.17 4.47
CA ARG B 166 -8.35 -4.79 5.81
C ARG B 166 -9.26 -5.85 6.44
N ILE B 167 -10.35 -6.20 5.77
CA ILE B 167 -11.28 -7.18 6.35
C ILE B 167 -10.70 -8.59 6.39
N ASN B 168 -9.73 -8.87 5.52
CA ASN B 168 -9.05 -10.14 5.53
C ASN B 168 -8.29 -10.33 6.84
N ARG B 169 -7.48 -9.34 7.18
CA ARG B 169 -6.65 -9.41 8.37
C ARG B 169 -7.46 -9.32 9.65
N LYS B 170 -8.54 -8.57 9.62
CA LYS B 170 -9.28 -8.28 10.84
C LYS B 170 -10.30 -9.36 11.20
N THR B 171 -10.68 -10.18 10.23
CA THR B 171 -11.67 -11.23 10.48
C THR B 171 -11.36 -12.55 9.77
N ALA B 172 -10.93 -12.46 8.51
CA ALA B 172 -10.74 -13.65 7.69
C ALA B 172 -9.59 -14.56 8.15
N ILE B 173 -8.39 -13.99 8.32
CA ILE B 173 -7.21 -14.81 8.58
C ILE B 173 -7.31 -15.67 9.84
N LEU B 174 -7.90 -15.14 10.90
CA LEU B 174 -8.02 -15.90 12.14
C LEU B 174 -8.92 -17.11 11.93
N ILE B 175 -10.02 -16.92 11.22
CA ILE B 175 -10.92 -18.03 10.89
C ILE B 175 -10.24 -19.02 9.97
N GLU B 176 -9.41 -18.52 9.05
CA GLU B 176 -8.63 -19.39 8.17
C GLU B 176 -7.58 -20.16 8.98
N ALA B 177 -7.00 -19.51 9.97
CA ALA B 177 -6.04 -20.16 10.85
C ALA B 177 -6.72 -21.26 11.67
N SER B 178 -7.99 -21.06 12.00
CA SER B 178 -8.75 -22.06 12.72
C SER B 178 -8.90 -23.33 11.90
N CYS B 179 -9.17 -23.17 10.60
CA CYS B 179 -9.33 -24.32 9.71
C CYS B 179 -7.98 -24.91 9.34
N HIS B 180 -6.96 -24.06 9.24
CA HIS B 180 -5.62 -24.52 8.89
C HIS B 180 -4.97 -25.28 10.04
N LEU B 181 -4.98 -24.69 11.23
CA LEU B 181 -4.39 -25.32 12.40
C LEU B 181 -5.16 -26.56 12.82
N GLY B 182 -6.48 -26.50 12.68
CA GLY B 182 -7.34 -27.65 12.98
C GLY B 182 -7.01 -28.81 12.07
N ALA B 183 -6.61 -28.51 10.84
CA ALA B 183 -6.29 -29.53 9.86
C ALA B 183 -4.89 -30.11 10.08
N LEU B 184 -3.97 -29.28 10.58
CA LEU B 184 -2.62 -29.72 10.88
C LEU B 184 -2.60 -30.73 12.03
N SER B 185 -3.31 -30.40 13.10
CA SER B 185 -3.37 -31.26 14.28
C SER B 185 -4.15 -32.54 13.99
N SER B 186 -4.10 -32.99 12.75
CA SER B 186 -4.80 -34.21 12.33
C SER B 186 -4.21 -34.71 11.02
N GLN B 187 -3.02 -34.21 10.69
CA GLN B 187 -2.34 -34.57 9.45
C GLN B 187 -3.34 -34.79 8.33
N LEU B 188 -4.04 -33.73 7.94
CA LEU B 188 -5.07 -33.83 6.90
C LEU B 188 -4.47 -33.78 5.50
N ASP B 189 -5.07 -34.54 4.59
CA ASP B 189 -4.67 -34.51 3.19
C ASP B 189 -4.42 -33.06 2.74
N GLU B 190 -3.36 -32.85 1.98
CA GLU B 190 -2.97 -31.50 1.58
C GLU B 190 -3.98 -30.84 0.64
N GLN B 191 -4.47 -31.58 -0.34
CA GLN B 191 -5.46 -31.07 -1.27
C GLN B 191 -6.74 -30.74 -0.51
N SER B 192 -7.02 -31.55 0.50
CA SER B 192 -8.17 -31.35 1.36
C SER B 192 -7.91 -30.22 2.36
N THR B 193 -6.64 -30.01 2.70
CA THR B 193 -6.27 -28.92 3.59
C THR B 193 -6.41 -27.58 2.89
N TYR B 194 -6.07 -27.56 1.60
CA TYR B 194 -6.20 -26.35 0.79
C TYR B 194 -7.65 -25.88 0.74
N HIS B 195 -8.58 -26.82 0.60
CA HIS B 195 -9.99 -26.48 0.44
C HIS B 195 -10.64 -25.98 1.73
N ILE B 196 -10.33 -26.61 2.85
CA ILE B 196 -10.89 -26.17 4.13
C ILE B 196 -10.24 -24.87 4.55
N LYS B 197 -9.01 -24.64 4.07
CA LYS B 197 -8.29 -23.41 4.31
C LYS B 197 -8.95 -22.26 3.56
N GLN B 198 -9.16 -22.45 2.25
CA GLN B 198 -9.80 -21.44 1.42
C GLN B 198 -11.24 -21.18 1.83
N PHE B 199 -11.91 -22.23 2.31
CA PHE B 199 -13.25 -22.09 2.85
C PHE B 199 -13.26 -21.13 4.03
N GLY B 200 -12.31 -21.34 4.94
CA GLY B 200 -12.19 -20.48 6.12
C GLY B 200 -11.98 -19.03 5.73
N HIS B 201 -11.19 -18.82 4.68
CA HIS B 201 -10.91 -17.47 4.19
C HIS B 201 -12.16 -16.85 3.58
N CYS B 202 -12.82 -17.59 2.71
CA CYS B 202 -13.99 -17.08 2.00
C CYS B 202 -15.16 -16.79 2.93
N ILE B 203 -15.40 -17.69 3.88
CA ILE B 203 -16.50 -17.52 4.83
C ILE B 203 -16.29 -16.28 5.68
N GLY B 204 -15.04 -16.08 6.12
CA GLY B 204 -14.68 -14.92 6.92
C GLY B 204 -14.84 -13.62 6.14
N MET B 205 -14.39 -13.63 4.89
CA MET B 205 -14.55 -12.46 4.03
C MET B 205 -16.03 -12.12 3.88
N SER B 206 -16.80 -13.12 3.48
CA SER B 206 -18.23 -12.94 3.30
C SER B 206 -18.88 -12.37 4.56
N TYR B 207 -18.55 -12.97 5.71
CA TYR B 207 -19.14 -12.57 6.97
C TYR B 207 -18.85 -11.11 7.33
N GLN B 208 -17.60 -10.70 7.12
CA GLN B 208 -17.19 -9.34 7.45
C GLN B 208 -17.86 -8.30 6.55
N ILE B 209 -18.07 -8.65 5.29
CA ILE B 209 -18.81 -7.78 4.38
C ILE B 209 -20.24 -7.60 4.90
N ILE B 210 -20.91 -8.71 5.18
CA ILE B 210 -22.25 -8.69 5.72
C ILE B 210 -22.32 -7.77 6.94
N ASP B 211 -21.32 -7.89 7.81
CA ASP B 211 -21.25 -7.05 9.00
C ASP B 211 -21.11 -5.58 8.65
N ASP B 212 -20.32 -5.31 7.61
CA ASP B 212 -20.14 -3.94 7.14
C ASP B 212 -21.44 -3.41 6.53
N ILE B 213 -22.22 -4.32 5.94
CA ILE B 213 -23.54 -3.97 5.43
C ILE B 213 -24.48 -3.61 6.57
N LEU B 214 -24.55 -4.49 7.57
CA LEU B 214 -25.44 -4.31 8.71
C LEU B 214 -25.21 -3.00 9.46
N ASP B 215 -23.96 -2.54 9.46
CA ASP B 215 -23.64 -1.27 10.13
C ASP B 215 -24.49 -0.15 9.57
N TYR B 216 -24.90 -0.31 8.31
CA TYR B 216 -25.70 0.69 7.62
C TYR B 216 -27.18 0.32 7.60
N THR B 217 -27.48 -0.97 7.50
CA THR B 217 -28.83 -1.42 7.21
C THR B 217 -29.63 -1.84 8.45
N SER B 218 -28.93 -2.37 9.45
CA SER B 218 -29.60 -2.87 10.64
C SER B 218 -29.98 -1.76 11.61
N ASP B 219 -30.57 -2.15 12.73
CA ASP B 219 -30.96 -1.21 13.77
C ASP B 219 -29.98 -1.30 14.95
N GLU B 220 -30.00 -0.28 15.80
CA GLU B 220 -29.08 -0.23 16.93
C GLU B 220 -29.27 -1.40 17.89
N ALA B 221 -30.34 -2.16 17.67
CA ALA B 221 -30.65 -3.31 18.53
C ALA B 221 -29.80 -4.52 18.16
N THR B 222 -29.72 -4.80 16.86
CA THR B 222 -28.93 -5.91 16.36
C THR B 222 -27.45 -5.55 16.29
N LEU B 223 -27.16 -4.26 16.38
CA LEU B 223 -25.79 -3.77 16.30
C LEU B 223 -25.16 -3.52 17.68
N GLY B 224 -26.01 -3.24 18.67
CA GLY B 224 -25.52 -2.92 20.00
C GLY B 224 -24.89 -1.55 20.06
N LYS B 225 -24.92 -0.84 18.94
CA LYS B 225 -24.41 0.52 18.86
C LYS B 225 -25.04 1.24 17.66
N PRO B 226 -24.91 2.57 17.62
CA PRO B 226 -25.60 3.39 16.62
C PRO B 226 -25.42 2.89 15.19
N VAL B 227 -26.42 3.12 14.35
CA VAL B 227 -26.30 2.79 12.93
C VAL B 227 -25.32 3.76 12.27
N GLY B 228 -24.43 3.22 11.43
CA GLY B 228 -23.42 4.03 10.78
C GLY B 228 -22.25 4.35 11.70
N SER B 229 -21.91 3.40 12.56
CA SER B 229 -20.80 3.58 13.50
C SER B 229 -19.44 3.58 12.83
N ASP B 230 -19.32 2.80 11.75
CA ASP B 230 -18.05 2.72 11.03
C ASP B 230 -17.64 4.08 10.46
N ILE B 231 -18.53 4.68 9.69
CA ILE B 231 -18.24 5.96 9.06
C ILE B 231 -18.10 7.09 10.09
N ARG B 232 -18.82 6.98 11.20
CA ARG B 232 -18.72 7.98 12.26
C ARG B 232 -17.37 7.94 12.96
N ASN B 233 -16.72 6.79 12.89
CA ASN B 233 -15.37 6.63 13.44
C ASN B 233 -14.31 6.70 12.35
N GLY B 234 -14.75 6.97 11.12
CA GLY B 234 -13.83 7.26 10.02
C GLY B 234 -13.55 6.10 9.09
N HIS B 235 -14.17 4.95 9.35
CA HIS B 235 -13.92 3.76 8.55
C HIS B 235 -14.70 3.78 7.23
N ILE B 236 -13.97 3.82 6.13
CA ILE B 236 -14.55 3.78 4.81
C ILE B 236 -14.65 2.33 4.35
N THR B 237 -15.87 1.85 4.16
CA THR B 237 -16.11 0.45 3.85
C THR B 237 -16.75 0.28 2.47
N TYR B 238 -16.84 -0.97 2.00
CA TYR B 238 -17.25 -1.20 0.63
C TYR B 238 -18.65 -0.66 0.29
N PRO B 239 -19.60 -0.81 1.22
CA PRO B 239 -20.93 -0.25 0.94
C PRO B 239 -20.84 1.23 0.57
N LEU B 240 -20.02 1.98 1.29
CA LEU B 240 -19.84 3.39 1.00
C LEU B 240 -19.12 3.58 -0.34
N MET B 241 -18.06 2.81 -0.55
CA MET B 241 -17.33 2.83 -1.81
C MET B 241 -18.25 2.55 -2.99
N ALA B 242 -19.13 1.55 -2.84
CA ALA B 242 -20.04 1.16 -3.91
C ALA B 242 -21.12 2.22 -4.15
N ALA B 243 -21.60 2.83 -3.08
CA ALA B 243 -22.60 3.89 -3.19
C ALA B 243 -22.04 5.09 -3.95
N ILE B 244 -20.84 5.52 -3.59
CA ILE B 244 -20.18 6.63 -4.27
C ILE B 244 -20.05 6.37 -5.77
N ALA B 245 -19.62 5.16 -6.12
CA ALA B 245 -19.45 4.76 -7.50
C ALA B 245 -20.76 4.80 -8.29
N ASN B 246 -21.82 4.24 -7.72
CA ASN B 246 -23.13 4.25 -8.37
C ASN B 246 -23.65 5.67 -8.60
N LEU B 247 -23.47 6.53 -7.62
CA LEU B 247 -23.89 7.93 -7.75
C LEU B 247 -23.13 8.65 -8.85
N LYS B 248 -21.84 8.36 -8.97
CA LYS B 248 -21.02 8.95 -10.02
C LYS B 248 -21.49 8.50 -11.41
N GLU B 249 -22.07 7.30 -11.48
CA GLU B 249 -22.65 6.83 -12.73
C GLU B 249 -23.85 7.68 -13.12
N GLN B 250 -24.55 8.21 -12.12
CA GLN B 250 -25.66 9.13 -12.38
C GLN B 250 -25.15 10.58 -12.38
N ASP B 251 -23.83 10.73 -12.55
CA ASP B 251 -23.21 12.05 -12.66
C ASP B 251 -23.30 12.87 -11.38
N ASP B 252 -23.39 12.19 -10.25
CA ASP B 252 -23.52 12.86 -8.96
C ASP B 252 -22.33 12.53 -8.06
N ASP B 253 -21.44 13.49 -7.86
CA ASP B 253 -20.24 13.25 -7.06
C ASP B 253 -20.25 14.01 -5.73
N LYS B 254 -21.43 14.42 -5.29
CA LYS B 254 -21.57 15.15 -4.03
C LYS B 254 -21.20 14.31 -2.81
N LEU B 255 -21.48 13.01 -2.88
CA LEU B 255 -21.15 12.08 -1.80
C LEU B 255 -19.62 11.94 -1.70
N GLU B 256 -18.99 11.77 -2.85
CA GLU B 256 -17.54 11.71 -2.92
C GLU B 256 -16.92 12.93 -2.26
N ALA B 257 -17.36 14.10 -2.70
CA ALA B 257 -16.82 15.36 -2.18
C ALA B 257 -16.94 15.39 -0.66
N VAL B 258 -18.10 15.02 -0.15
CA VAL B 258 -18.37 15.07 1.28
C VAL B 258 -17.47 14.12 2.07
N VAL B 259 -17.39 12.87 1.62
CA VAL B 259 -16.55 11.87 2.28
C VAL B 259 -15.08 12.27 2.24
N LYS B 260 -14.64 12.87 1.13
CA LYS B 260 -13.28 13.35 1.02
C LYS B 260 -12.96 14.39 2.11
N HIS B 261 -13.94 15.24 2.42
CA HIS B 261 -13.73 16.32 3.38
C HIS B 261 -14.16 15.93 4.80
N LEU B 262 -14.57 14.68 4.96
CA LEU B 262 -15.02 14.20 6.27
C LEU B 262 -13.84 14.14 7.25
N THR B 263 -14.02 14.69 8.45
CA THR B 263 -13.00 14.60 9.49
C THR B 263 -13.62 14.15 10.80
N SER B 264 -12.80 14.02 11.83
CA SER B 264 -13.26 13.55 13.13
C SER B 264 -14.24 14.51 13.80
N THR B 265 -14.27 15.76 13.33
CA THR B 265 -15.15 16.77 13.92
C THR B 265 -16.38 17.05 13.06
N SER B 266 -16.62 16.22 12.04
CA SER B 266 -17.76 16.41 11.16
C SER B 266 -19.10 16.34 11.91
N ASP B 267 -20.11 17.04 11.37
CA ASP B 267 -21.41 17.13 12.00
C ASP B 267 -22.29 15.90 11.77
N ASP B 268 -23.21 15.66 12.70
CA ASP B 268 -24.13 14.52 12.58
C ASP B 268 -24.93 14.56 11.29
N GLU B 269 -25.26 15.76 10.83
CA GLU B 269 -26.03 15.93 9.61
C GLU B 269 -25.31 15.29 8.41
N VAL B 270 -23.99 15.42 8.40
CA VAL B 270 -23.19 14.87 7.31
C VAL B 270 -23.21 13.35 7.34
N TYR B 271 -23.16 12.78 8.55
CA TYR B 271 -23.20 11.34 8.71
C TYR B 271 -24.56 10.76 8.32
N GLN B 272 -25.63 11.45 8.73
CA GLN B 272 -26.97 10.97 8.40
C GLN B 272 -27.19 10.95 6.90
N TYR B 273 -26.67 11.95 6.21
CA TYR B 273 -26.71 12.01 4.76
C TYR B 273 -25.96 10.83 4.13
N ILE B 274 -24.75 10.59 4.61
CA ILE B 274 -23.93 9.49 4.10
C ILE B 274 -24.66 8.16 4.29
N VAL B 275 -25.16 7.93 5.49
CA VAL B 275 -25.85 6.69 5.82
C VAL B 275 -27.02 6.41 4.87
N SER B 276 -27.83 7.43 4.60
CA SER B 276 -28.99 7.25 3.74
C SER B 276 -28.59 7.05 2.28
N GLN B 277 -27.48 7.64 1.87
CA GLN B 277 -27.00 7.45 0.51
C GLN B 277 -26.50 6.03 0.33
N VAL B 278 -25.85 5.51 1.37
CA VAL B 278 -25.36 4.14 1.34
C VAL B 278 -26.52 3.14 1.27
N LYS B 279 -27.55 3.37 2.09
CA LYS B 279 -28.70 2.46 2.09
C LYS B 279 -29.38 2.42 0.73
N GLN B 280 -29.32 3.53 0.01
CA GLN B 280 -30.00 3.63 -1.28
C GLN B 280 -29.16 3.10 -2.44
N TYR B 281 -27.84 3.25 -2.36
CA TYR B 281 -27.00 2.98 -3.52
C TYR B 281 -25.90 1.94 -3.33
N GLY B 282 -25.57 1.62 -2.09
CA GLY B 282 -24.41 0.78 -1.82
C GLY B 282 -24.68 -0.62 -1.28
N ILE B 283 -25.93 -0.92 -0.98
CA ILE B 283 -26.25 -2.19 -0.33
C ILE B 283 -26.16 -3.37 -1.27
N GLU B 284 -26.82 -3.26 -2.42
CA GLU B 284 -26.90 -4.37 -3.37
C GLU B 284 -25.53 -4.87 -3.84
N PRO B 285 -24.65 -3.95 -4.27
CA PRO B 285 -23.33 -4.37 -4.75
C PRO B 285 -22.52 -5.06 -3.66
N ALA B 286 -22.68 -4.60 -2.41
CA ALA B 286 -21.98 -5.21 -1.29
C ALA B 286 -22.49 -6.63 -1.03
N GLU B 287 -23.81 -6.80 -1.14
CA GLU B 287 -24.43 -8.11 -1.01
C GLU B 287 -23.91 -9.04 -2.10
N LEU B 288 -23.86 -8.50 -3.32
CA LEU B 288 -23.36 -9.23 -4.46
C LEU B 288 -21.93 -9.73 -4.20
N LEU B 289 -21.06 -8.82 -3.75
CA LEU B 289 -19.69 -9.19 -3.40
C LEU B 289 -19.67 -10.32 -2.37
N SER B 290 -20.38 -10.11 -1.27
CA SER B 290 -20.47 -11.10 -0.20
C SER B 290 -20.87 -12.46 -0.75
N ARG B 291 -21.79 -12.46 -1.72
CA ARG B 291 -22.27 -13.71 -2.31
C ARG B 291 -21.19 -14.42 -3.12
N LYS B 292 -20.34 -13.65 -3.79
CA LYS B 292 -19.20 -14.21 -4.52
C LYS B 292 -18.32 -15.04 -3.60
N TYR B 293 -17.97 -14.47 -2.44
CA TYR B 293 -17.18 -15.18 -1.45
C TYR B 293 -17.94 -16.37 -0.88
N GLY B 294 -19.24 -16.19 -0.66
CA GLY B 294 -20.09 -17.26 -0.19
C GLY B 294 -20.09 -18.43 -1.16
N ASP B 295 -20.26 -18.12 -2.44
CA ASP B 295 -20.27 -19.15 -3.47
C ASP B 295 -18.91 -19.85 -3.55
N LYS B 296 -17.85 -19.06 -3.51
CA LYS B 296 -16.50 -19.61 -3.54
C LYS B 296 -16.27 -20.58 -2.38
N ALA B 297 -16.86 -20.25 -1.23
CA ALA B 297 -16.76 -21.13 -0.07
C ALA B 297 -17.49 -22.45 -0.32
N LYS B 298 -18.63 -22.37 -0.99
CA LYS B 298 -19.37 -23.57 -1.35
C LYS B 298 -18.55 -24.49 -2.24
N TYR B 299 -17.84 -23.91 -3.20
CA TYR B 299 -17.02 -24.69 -4.12
C TYR B 299 -15.98 -25.51 -3.36
N HIS B 300 -15.26 -24.85 -2.45
CA HIS B 300 -14.22 -25.53 -1.70
C HIS B 300 -14.77 -26.64 -0.82
N LEU B 301 -16.00 -26.48 -0.33
CA LEU B 301 -16.67 -27.51 0.44
C LEU B 301 -17.05 -28.68 -0.46
N SER B 302 -17.38 -28.38 -1.71
CA SER B 302 -17.87 -29.40 -2.64
C SER B 302 -16.73 -30.21 -3.25
N GLN B 303 -15.51 -29.72 -3.11
CA GLN B 303 -14.36 -30.37 -3.72
C GLN B 303 -13.68 -31.32 -2.75
N LEU B 304 -14.22 -31.43 -1.54
CA LEU B 304 -13.69 -32.36 -0.56
C LEU B 304 -14.61 -33.58 -0.38
N GLN B 305 -14.01 -34.72 -0.07
CA GLN B 305 -14.72 -36.00 0.01
C GLN B 305 -16.04 -35.91 0.75
N ASP B 306 -17.06 -36.59 0.23
CA ASP B 306 -18.37 -36.64 0.85
C ASP B 306 -18.32 -37.31 2.22
N SER B 307 -18.86 -36.65 3.24
CA SER B 307 -18.90 -37.23 4.57
C SER B 307 -19.83 -36.44 5.48
N ASN B 308 -20.06 -36.97 6.68
CA ASN B 308 -20.93 -36.32 7.65
C ASN B 308 -20.43 -34.93 8.01
N ILE B 309 -19.12 -34.81 8.22
CA ILE B 309 -18.52 -33.54 8.61
C ILE B 309 -18.73 -32.47 7.55
N LYS B 310 -18.78 -32.90 6.29
CA LYS B 310 -19.01 -31.97 5.19
C LYS B 310 -20.38 -31.31 5.32
N ASP B 311 -21.35 -32.08 5.80
CA ASP B 311 -22.72 -31.57 5.92
C ASP B 311 -22.84 -30.51 7.01
N TYR B 312 -22.13 -30.69 8.12
CA TYR B 312 -22.16 -29.72 9.20
C TYR B 312 -21.62 -28.36 8.72
N LEU B 313 -20.47 -28.39 8.06
CA LEU B 313 -19.87 -27.18 7.52
C LEU B 313 -20.81 -26.49 6.55
N GLU B 314 -21.51 -27.30 5.75
CA GLU B 314 -22.43 -26.78 4.75
C GLU B 314 -23.65 -26.13 5.41
N GLU B 315 -24.01 -26.61 6.59
CA GLU B 315 -25.15 -26.09 7.32
C GLU B 315 -24.82 -24.79 8.03
N ILE B 316 -23.59 -24.70 8.54
CA ILE B 316 -23.11 -23.48 9.19
C ILE B 316 -22.91 -22.38 8.16
N HIS B 317 -22.58 -22.78 6.94
CA HIS B 317 -22.40 -21.85 5.83
C HIS B 317 -23.72 -21.18 5.48
N GLU B 318 -24.82 -21.90 5.68
CA GLU B 318 -26.15 -21.37 5.41
C GLU B 318 -26.57 -20.35 6.45
N LYS B 319 -26.30 -20.66 7.72
CA LYS B 319 -26.67 -19.79 8.82
C LYS B 319 -25.89 -18.48 8.81
N MET B 320 -24.57 -18.57 8.81
CA MET B 320 -23.70 -17.40 8.91
C MET B 320 -23.92 -16.40 7.77
N LEU B 321 -24.35 -16.89 6.61
CA LEU B 321 -24.55 -16.04 5.44
C LEU B 321 -26.03 -15.93 5.09
N LYS B 322 -26.88 -15.92 6.11
CA LYS B 322 -28.33 -15.84 5.91
C LYS B 322 -28.74 -14.52 5.29
N ARG B 323 -28.05 -13.45 5.66
CA ARG B 323 -28.38 -12.11 5.20
C ARG B 323 -28.26 -11.95 3.69
N VAL B 324 -27.39 -12.75 3.08
CA VAL B 324 -27.16 -12.67 1.64
C VAL B 324 -27.90 -13.78 0.89
N TYR B 325 -28.11 -14.91 1.56
CA TYR B 325 -28.83 -16.02 0.95
C TYR B 325 -30.25 -16.12 1.49
N MET C 4 -16.63 -14.57 -24.47
CA MET C 4 -15.37 -13.95 -23.97
C MET C 4 -14.18 -14.87 -24.18
N MET C 5 -13.29 -14.48 -25.09
CA MET C 5 -12.11 -15.27 -25.40
C MET C 5 -11.06 -15.21 -24.28
N ARG C 6 -10.05 -16.07 -24.39
CA ARG C 6 -9.04 -16.17 -23.34
C ARG C 6 -8.17 -14.91 -23.25
N TYR C 7 -7.88 -14.30 -24.40
CA TYR C 7 -7.05 -13.11 -24.43
C TYR C 7 -7.74 -11.96 -23.69
N LEU C 8 -9.03 -11.79 -23.95
CA LEU C 8 -9.80 -10.71 -23.33
C LEU C 8 -9.83 -10.87 -21.80
N HIS C 9 -9.79 -12.12 -21.34
CA HIS C 9 -9.78 -12.39 -19.90
C HIS C 9 -8.46 -11.95 -19.27
N LYS C 10 -7.38 -11.97 -20.04
CA LYS C 10 -6.07 -11.58 -19.55
C LYS C 10 -5.99 -10.09 -19.23
N ILE C 11 -6.43 -9.27 -20.17
CA ILE C 11 -6.40 -7.82 -19.99
C ILE C 11 -7.46 -7.39 -18.97
N GLU C 12 -8.66 -7.95 -19.09
CA GLU C 12 -9.73 -7.67 -18.15
C GLU C 12 -9.25 -7.86 -16.72
N LEU C 13 -8.56 -8.98 -16.49
CA LEU C 13 -8.06 -9.30 -15.17
C LEU C 13 -7.09 -8.22 -14.65
N GLU C 14 -6.18 -7.78 -15.52
CA GLU C 14 -5.18 -6.79 -15.12
C GLU C 14 -5.79 -5.40 -14.90
N LEU C 15 -6.79 -5.06 -15.70
CA LEU C 15 -7.49 -3.79 -15.55
C LEU C 15 -8.31 -3.76 -14.25
N ASN C 16 -8.90 -4.89 -13.90
CA ASN C 16 -9.59 -5.01 -12.63
C ASN C 16 -8.60 -4.94 -11.46
N ARG C 17 -7.41 -5.48 -11.68
CA ARG C 17 -6.37 -5.45 -10.66
C ARG C 17 -5.92 -4.00 -10.44
N LEU C 18 -5.84 -3.23 -11.52
CA LEU C 18 -5.44 -1.83 -11.44
C LEU C 18 -6.52 -0.96 -10.83
N THR C 19 -7.77 -1.21 -11.22
CA THR C 19 -8.91 -0.47 -10.69
C THR C 19 -9.03 -0.63 -9.18
N SER C 20 -8.64 -1.81 -8.69
CA SER C 20 -8.77 -2.14 -7.27
C SER C 20 -7.65 -1.57 -6.44
N ARG C 21 -6.50 -1.36 -7.06
CA ARG C 21 -5.34 -0.82 -6.36
C ARG C 21 -5.27 0.70 -6.48
N TYR C 22 -5.77 1.24 -7.59
CA TYR C 22 -5.70 2.68 -7.84
C TYR C 22 -7.09 3.27 -8.09
N PRO C 23 -7.67 3.89 -7.06
CA PRO C 23 -9.02 4.45 -7.18
C PRO C 23 -9.12 5.47 -8.31
N PHE C 24 -8.05 6.19 -8.58
CA PHE C 24 -8.10 7.22 -9.62
C PHE C 24 -7.96 6.67 -11.04
N PHE C 25 -7.69 5.37 -11.16
CA PHE C 25 -7.68 4.74 -12.47
C PHE C 25 -9.09 4.34 -12.91
N LYS C 26 -9.49 4.83 -14.07
CA LYS C 26 -10.83 4.58 -14.60
C LYS C 26 -10.80 3.61 -15.78
N LYS C 27 -11.74 2.68 -15.78
CA LYS C 27 -11.94 1.74 -16.88
C LYS C 27 -13.17 2.12 -17.69
N ILE C 28 -12.99 2.36 -18.99
CA ILE C 28 -14.14 2.49 -19.87
C ILE C 28 -14.35 1.16 -20.59
N ALA C 29 -15.57 0.93 -21.06
CA ALA C 29 -15.86 -0.32 -21.76
C ALA C 29 -15.11 -0.37 -23.08
N PHE C 30 -14.72 -1.58 -23.49
CA PHE C 30 -14.08 -1.75 -24.79
C PHE C 30 -15.08 -1.48 -25.89
N ASP C 31 -14.58 -1.21 -27.09
CA ASP C 31 -15.43 -1.08 -28.26
C ASP C 31 -15.81 -2.46 -28.77
N ALA C 32 -17.11 -2.74 -28.77
CA ALA C 32 -17.62 -4.08 -29.09
C ALA C 32 -17.21 -4.56 -30.47
N GLU C 33 -17.27 -3.67 -31.46
CA GLU C 33 -16.93 -4.04 -32.83
C GLU C 33 -15.49 -4.54 -32.90
N ILE C 34 -14.57 -3.71 -32.40
CA ILE C 34 -13.15 -4.02 -32.44
C ILE C 34 -12.80 -5.25 -31.61
N ILE C 35 -13.49 -5.42 -30.49
CA ILE C 35 -13.31 -6.62 -29.67
C ILE C 35 -13.54 -7.88 -30.49
N LYS C 36 -14.50 -7.80 -31.42
CA LYS C 36 -14.87 -8.95 -32.23
C LYS C 36 -13.97 -9.09 -33.46
N LEU C 37 -13.45 -7.95 -33.94
CA LEU C 37 -12.49 -7.98 -35.03
C LEU C 37 -11.18 -8.57 -34.52
N VAL C 38 -10.82 -8.22 -33.28
CA VAL C 38 -9.61 -8.74 -32.65
C VAL C 38 -9.75 -10.24 -32.37
N ASP C 39 -10.97 -10.67 -32.11
CA ASP C 39 -11.25 -12.09 -31.93
C ASP C 39 -10.85 -12.89 -33.18
N ASP C 40 -11.11 -12.31 -34.35
CA ASP C 40 -10.87 -13.00 -35.61
C ASP C 40 -9.38 -13.11 -35.95
N LEU C 41 -8.62 -12.09 -35.56
CA LEU C 41 -7.21 -12.01 -35.96
C LEU C 41 -6.42 -13.27 -35.65
N ASN C 42 -5.59 -13.68 -36.60
CA ASN C 42 -4.70 -14.83 -36.42
C ASN C 42 -3.38 -14.36 -35.83
N VAL C 43 -3.40 -13.93 -34.57
CA VAL C 43 -2.23 -13.37 -33.91
C VAL C 43 -2.17 -13.78 -32.44
N ASP C 44 -1.01 -13.60 -31.82
CA ASP C 44 -0.79 -14.03 -30.44
C ASP C 44 -1.66 -13.31 -29.41
N GLU C 45 -1.79 -13.94 -28.25
CA GLU C 45 -2.58 -13.41 -27.15
C GLU C 45 -2.16 -11.99 -26.79
N ASN C 46 -0.89 -11.83 -26.45
CA ASN C 46 -0.37 -10.53 -26.03
C ASN C 46 -0.62 -9.43 -27.06
N VAL C 47 -0.47 -9.76 -28.34
CA VAL C 47 -0.73 -8.79 -29.40
C VAL C 47 -2.19 -8.32 -29.38
N LYS C 48 -3.12 -9.25 -29.25
CA LYS C 48 -4.53 -8.90 -29.15
C LYS C 48 -4.76 -7.98 -27.96
N CYS C 49 -4.15 -8.33 -26.84
CA CYS C 49 -4.29 -7.54 -25.62
C CYS C 49 -3.79 -6.11 -25.81
N ALA C 50 -2.70 -5.97 -26.55
CA ALA C 50 -2.10 -4.66 -26.78
C ALA C 50 -2.99 -3.81 -27.67
N ILE C 51 -3.58 -4.44 -28.68
CA ILE C 51 -4.46 -3.72 -29.59
C ILE C 51 -5.64 -3.14 -28.82
N VAL C 52 -6.23 -3.96 -27.96
CA VAL C 52 -7.37 -3.55 -27.16
C VAL C 52 -7.00 -2.41 -26.20
N ALA C 53 -5.88 -2.53 -25.51
CA ALA C 53 -5.43 -1.51 -24.56
C ALA C 53 -5.23 -0.17 -25.24
N ILE C 54 -4.51 -0.15 -26.36
CA ILE C 54 -4.21 1.09 -27.04
C ILE C 54 -5.47 1.67 -27.71
N ASP C 55 -6.32 0.80 -28.26
CA ASP C 55 -7.57 1.24 -28.83
C ASP C 55 -8.42 1.95 -27.78
N THR C 56 -8.55 1.31 -26.62
CA THR C 56 -9.33 1.87 -25.53
C THR C 56 -8.68 3.15 -25.01
N SER C 57 -7.35 3.15 -24.97
CA SER C 57 -6.62 4.32 -24.52
C SER C 57 -7.01 5.58 -25.29
N MET C 58 -6.99 5.49 -26.62
CA MET C 58 -7.25 6.64 -27.46
C MET C 58 -8.73 7.05 -27.52
N ARG C 59 -9.64 6.10 -27.26
CA ARG C 59 -11.05 6.43 -27.21
C ARG C 59 -11.38 7.18 -25.94
N MET C 60 -10.77 6.75 -24.84
CA MET C 60 -10.92 7.42 -23.55
C MET C 60 -10.43 8.86 -23.64
N GLN C 61 -9.51 9.09 -24.57
CA GLN C 61 -8.95 10.41 -24.81
C GLN C 61 -10.06 11.43 -25.07
N ASP C 62 -11.11 10.98 -25.75
CA ASP C 62 -12.19 11.87 -26.18
C ASP C 62 -13.13 12.26 -25.05
N PHE C 63 -13.00 11.62 -23.90
CA PHE C 63 -13.88 11.90 -22.77
C PHE C 63 -13.22 12.76 -21.70
N ILE C 64 -11.96 13.12 -21.91
CA ILE C 64 -11.26 13.97 -20.95
C ILE C 64 -11.85 15.38 -20.94
N ASN C 65 -12.13 15.89 -19.74
CA ASN C 65 -12.54 17.28 -19.58
C ASN C 65 -11.98 17.87 -18.30
N GLU C 66 -12.32 19.12 -18.02
CA GLU C 66 -11.79 19.83 -16.86
C GLU C 66 -12.05 19.09 -15.54
N ASP C 67 -13.19 18.41 -15.44
CA ASP C 67 -13.60 17.79 -14.17
C ASP C 67 -12.99 16.43 -13.91
N ASN C 68 -12.62 15.70 -14.97
CA ASN C 68 -12.05 14.37 -14.81
C ASN C 68 -10.57 14.28 -15.22
N LYS C 69 -9.96 15.43 -15.47
CA LYS C 69 -8.56 15.52 -15.85
C LYS C 69 -7.62 14.61 -15.06
N ASP C 70 -7.54 14.85 -13.75
CA ASP C 70 -6.66 14.07 -12.89
C ASP C 70 -6.74 12.60 -13.27
N SER C 71 -7.96 12.08 -13.23
CA SER C 71 -8.20 10.66 -13.39
C SER C 71 -8.03 10.17 -14.83
N PHE C 72 -8.60 10.91 -15.79
CA PHE C 72 -8.70 10.43 -17.16
C PHE C 72 -7.40 10.50 -17.98
N VAL C 73 -6.65 11.59 -17.81
CA VAL C 73 -5.39 11.72 -18.52
C VAL C 73 -4.44 10.59 -18.15
N LEU C 74 -4.26 10.38 -16.85
CA LEU C 74 -3.39 9.32 -16.36
C LEU C 74 -3.88 7.95 -16.80
N SER C 75 -5.19 7.75 -16.76
CA SER C 75 -5.78 6.49 -17.20
C SER C 75 -5.41 6.16 -18.65
N THR C 76 -5.48 7.16 -19.53
CA THR C 76 -5.10 6.96 -20.92
C THR C 76 -3.61 6.65 -21.03
N ASP C 77 -2.82 7.33 -20.21
CA ASP C 77 -1.38 7.09 -20.17
C ASP C 77 -1.06 5.67 -19.70
N VAL C 78 -1.70 5.23 -18.62
CA VAL C 78 -1.41 3.90 -18.10
C VAL C 78 -1.85 2.82 -19.10
N LEU C 79 -2.93 3.08 -19.82
CA LEU C 79 -3.39 2.16 -20.86
C LEU C 79 -2.37 2.06 -21.99
N SER C 80 -1.84 3.21 -22.41
CA SER C 80 -0.77 3.22 -23.41
C SER C 80 0.43 2.44 -22.90
N ALA C 81 0.75 2.64 -21.62
CA ALA C 81 1.86 1.95 -20.98
C ALA C 81 1.64 0.44 -20.98
N LEU C 82 0.39 0.02 -20.77
CA LEU C 82 0.04 -1.40 -20.81
C LEU C 82 0.21 -1.94 -22.21
N PHE C 83 -0.23 -1.15 -23.19
CA PHE C 83 -0.01 -1.50 -24.59
C PHE C 83 1.44 -1.89 -24.80
N TYR C 84 2.35 -1.01 -24.39
CA TYR C 84 3.78 -1.23 -24.52
C TYR C 84 4.19 -2.52 -23.81
N LYS C 85 3.75 -2.67 -22.55
CA LYS C 85 4.12 -3.84 -21.77
C LYS C 85 3.69 -5.13 -22.46
N TYR C 86 2.46 -5.16 -22.96
CA TYR C 86 1.92 -6.35 -23.60
C TYR C 86 2.71 -6.78 -24.84
N LEU C 87 3.58 -5.90 -25.32
CA LEU C 87 4.37 -6.18 -26.53
C LEU C 87 5.85 -6.34 -26.24
N SER C 88 6.22 -6.31 -24.96
CA SER C 88 7.63 -6.28 -24.57
C SER C 88 8.19 -7.63 -24.12
N GLN C 89 7.31 -8.56 -23.78
CA GLN C 89 7.77 -9.85 -23.26
C GLN C 89 6.80 -10.99 -23.55
N PRO C 90 7.02 -11.72 -24.64
CA PRO C 90 8.12 -11.53 -25.59
C PRO C 90 7.93 -10.32 -26.49
N PHE C 91 9.04 -9.78 -26.98
CA PHE C 91 9.03 -8.56 -27.79
C PHE C 91 8.50 -8.79 -29.20
N TYR C 92 7.35 -8.19 -29.49
CA TYR C 92 6.75 -8.28 -30.82
C TYR C 92 7.15 -7.08 -31.67
N GLN C 93 8.38 -7.08 -32.16
CA GLN C 93 8.96 -5.92 -32.84
C GLN C 93 8.09 -5.37 -33.98
N HIS C 94 7.69 -6.24 -34.91
CA HIS C 94 6.91 -5.78 -36.05
C HIS C 94 5.63 -5.10 -35.59
N ASP C 95 4.89 -5.76 -34.70
CA ASP C 95 3.64 -5.23 -34.20
C ASP C 95 3.85 -3.92 -33.44
N PHE C 96 4.92 -3.87 -32.65
CA PHE C 96 5.25 -2.66 -31.90
C PHE C 96 5.53 -1.51 -32.86
N LEU C 97 6.15 -1.80 -33.99
CA LEU C 97 6.48 -0.76 -34.97
C LEU C 97 5.22 -0.20 -35.64
N VAL C 98 4.32 -1.09 -36.06
CA VAL C 98 3.10 -0.64 -36.72
C VAL C 98 2.16 0.07 -35.75
N LEU C 99 2.04 -0.47 -34.54
CA LEU C 99 1.08 0.07 -33.58
C LEU C 99 1.51 1.41 -32.97
N THR C 100 2.80 1.59 -32.73
CA THR C 100 3.28 2.89 -32.25
C THR C 100 3.14 3.94 -33.34
N ASP C 101 3.35 3.53 -34.59
CA ASP C 101 3.08 4.40 -35.73
C ASP C 101 1.61 4.78 -35.73
N CYS C 102 0.74 3.80 -35.50
CA CYS C 102 -0.70 4.03 -35.41
C CYS C 102 -1.06 5.06 -34.35
N VAL C 103 -0.38 5.02 -33.20
CA VAL C 103 -0.68 5.93 -32.11
C VAL C 103 -0.43 7.39 -32.50
N SER C 104 0.70 7.66 -33.15
CA SER C 104 1.02 9.02 -33.52
C SER C 104 0.14 9.49 -34.69
N ARG C 105 -0.22 8.57 -35.58
CA ARG C 105 -1.08 8.92 -36.70
C ARG C 105 -2.51 9.22 -36.24
N ILE C 106 -3.02 8.44 -35.30
CA ILE C 106 -4.37 8.66 -34.80
C ILE C 106 -4.47 10.03 -34.10
N ASN C 107 -3.42 10.42 -33.39
CA ASN C 107 -3.39 11.73 -32.75
C ASN C 107 -3.26 12.85 -33.77
N GLU C 108 -2.55 12.57 -34.86
CA GLU C 108 -2.44 13.51 -35.96
C GLU C 108 -3.80 13.68 -36.62
N LEU C 109 -4.44 12.56 -36.94
CA LEU C 109 -5.74 12.57 -37.60
C LEU C 109 -6.80 13.27 -36.76
N LYS C 110 -6.86 12.94 -35.48
CA LYS C 110 -7.81 13.61 -34.58
C LYS C 110 -7.58 15.10 -34.57
N SER C 111 -6.33 15.51 -34.75
CA SER C 111 -5.97 16.92 -34.72
C SER C 111 -6.40 17.60 -36.01
N ILE C 112 -6.24 16.90 -37.13
CA ILE C 112 -6.63 17.42 -38.43
C ILE C 112 -8.15 17.47 -38.57
N ARG C 113 -8.82 16.45 -38.06
CA ARG C 113 -10.29 16.40 -38.09
C ARG C 113 -10.88 17.66 -37.50
N ALA C 114 -10.26 18.15 -36.43
CA ALA C 114 -10.77 19.31 -35.70
C ALA C 114 -11.04 20.53 -36.58
N THR C 115 -10.39 20.61 -37.73
CA THR C 115 -10.55 21.76 -38.61
C THR C 115 -11.23 21.42 -39.93
N ILE C 116 -11.80 20.21 -40.01
CA ILE C 116 -12.47 19.76 -41.22
C ILE C 116 -13.98 19.87 -41.12
N THR C 117 -14.61 20.45 -42.13
CA THR C 117 -16.07 20.52 -42.18
C THR C 117 -16.63 19.74 -43.36
N ASP C 118 -15.84 19.61 -44.41
CA ASP C 118 -16.25 18.82 -45.57
C ASP C 118 -16.70 17.43 -45.13
N GLU C 119 -17.93 17.08 -45.50
CA GLU C 119 -18.56 15.86 -44.98
C GLU C 119 -17.88 14.55 -45.37
N ILE C 120 -17.45 14.41 -46.62
CA ILE C 120 -16.81 13.17 -47.06
C ILE C 120 -15.47 12.97 -46.36
N ALA C 121 -14.64 14.01 -46.34
CA ALA C 121 -13.36 13.94 -45.65
C ALA C 121 -13.59 13.57 -44.18
N LEU C 122 -14.55 14.24 -43.56
CA LEU C 122 -14.91 13.99 -42.19
C LEU C 122 -15.33 12.53 -42.01
N HIS C 123 -16.23 12.08 -42.88
CA HIS C 123 -16.72 10.70 -42.85
C HIS C 123 -15.57 9.69 -42.99
N ASN C 124 -14.64 9.98 -43.88
CA ASN C 124 -13.53 9.06 -44.16
C ASN C 124 -12.46 9.06 -43.08
N ILE C 125 -12.17 10.23 -42.53
CA ILE C 125 -11.17 10.33 -41.49
C ILE C 125 -11.70 9.71 -40.19
N ASN C 126 -13.00 9.81 -39.97
CA ASN C 126 -13.63 9.15 -38.82
C ASN C 126 -13.49 7.63 -38.86
N LYS C 127 -13.61 7.06 -40.04
CA LYS C 127 -13.47 5.61 -40.20
C LYS C 127 -12.02 5.19 -40.07
N GLN C 128 -11.12 6.05 -40.54
CA GLN C 128 -9.70 5.79 -40.44
C GLN C 128 -9.27 5.82 -38.98
N ILE C 129 -9.78 6.80 -38.25
CA ILE C 129 -9.52 6.92 -36.82
C ILE C 129 -10.12 5.74 -36.04
N HIS C 130 -11.32 5.32 -36.44
CA HIS C 130 -12.02 4.24 -35.75
C HIS C 130 -11.40 2.87 -36.02
N TYR C 131 -10.87 2.67 -37.23
CA TYR C 131 -10.28 1.38 -37.59
C TYR C 131 -8.75 1.40 -37.53
N MET C 132 -8.20 2.50 -37.01
CA MET C 132 -6.76 2.70 -36.93
C MET C 132 -5.97 1.46 -36.49
N PHE C 133 -6.26 0.94 -35.30
CA PHE C 133 -5.44 -0.13 -34.73
C PHE C 133 -5.76 -1.52 -35.28
N ILE C 134 -6.91 -1.67 -35.91
CA ILE C 134 -7.30 -2.97 -36.45
C ILE C 134 -6.98 -3.09 -37.94
N GLN C 135 -6.85 -1.97 -38.62
CA GLN C 135 -6.68 -1.93 -40.08
C GLN C 135 -5.47 -2.71 -40.61
N PRO C 136 -4.29 -2.51 -40.01
CA PRO C 136 -3.06 -3.12 -40.51
C PRO C 136 -3.08 -4.65 -40.50
N TYR C 137 -4.00 -5.25 -39.76
CA TYR C 137 -4.06 -6.70 -39.67
C TYR C 137 -5.13 -7.28 -40.58
N MET C 138 -5.53 -6.48 -41.56
CA MET C 138 -6.56 -6.90 -42.52
C MET C 138 -6.26 -6.42 -43.92
N MET D 1 48.05 21.07 -20.60
CA MET D 1 47.68 20.19 -21.73
C MET D 1 46.22 20.38 -22.12
N ILE D 2 45.89 20.04 -23.36
CA ILE D 2 44.52 20.16 -23.83
C ILE D 2 43.64 19.08 -23.22
N ALA D 3 42.76 19.49 -22.32
CA ALA D 3 41.89 18.56 -21.61
C ALA D 3 40.57 18.34 -22.35
N LEU D 4 39.90 17.25 -22.02
CA LEU D 4 38.57 16.99 -22.55
C LEU D 4 37.53 17.14 -21.43
N SER D 5 36.90 18.30 -21.37
CA SER D 5 35.95 18.57 -20.30
C SER D 5 34.61 17.91 -20.56
N TYR D 6 33.75 17.97 -19.55
CA TYR D 6 32.39 17.47 -19.61
C TYR D 6 31.63 18.04 -20.81
N LYS D 7 31.53 19.36 -20.88
CA LYS D 7 30.84 20.02 -22.00
C LYS D 7 31.46 19.70 -23.35
N ALA D 8 32.79 19.72 -23.41
CA ALA D 8 33.49 19.42 -24.64
C ALA D 8 33.14 18.01 -25.13
N PHE D 9 33.09 17.05 -24.21
CA PHE D 9 32.82 15.67 -24.58
C PHE D 9 31.37 15.41 -25.02
N LEU D 10 30.43 15.92 -24.24
CA LEU D 10 29.01 15.66 -24.49
C LEU D 10 28.43 16.47 -25.64
N ASN D 11 28.98 17.65 -25.86
CA ASN D 11 28.46 18.59 -26.86
C ASN D 11 27.96 17.95 -28.16
N PRO D 12 28.84 17.24 -28.88
CA PRO D 12 28.50 16.68 -30.18
C PRO D 12 27.36 15.67 -30.09
N TYR D 13 27.24 15.03 -28.94
CA TYR D 13 26.19 14.04 -28.75
C TYR D 13 24.87 14.71 -28.40
N ILE D 14 24.91 15.69 -27.51
CA ILE D 14 23.72 16.47 -27.17
C ILE D 14 23.19 17.20 -28.39
N ILE D 15 24.10 17.72 -29.22
CA ILE D 15 23.68 18.37 -30.46
C ILE D 15 22.93 17.39 -31.36
N GLU D 16 23.42 16.15 -31.44
CA GLU D 16 22.77 15.14 -32.27
C GLU D 16 21.42 14.73 -31.69
N VAL D 17 21.35 14.63 -30.37
CA VAL D 17 20.10 14.34 -29.68
C VAL D 17 19.07 15.43 -29.97
N GLU D 18 19.52 16.67 -30.01
CA GLU D 18 18.64 17.80 -30.29
C GLU D 18 18.10 17.76 -31.72
N LYS D 19 18.96 17.41 -32.68
CA LYS D 19 18.53 17.30 -34.08
C LYS D 19 17.50 16.20 -34.27
N ARG D 20 17.70 15.09 -33.58
CA ARG D 20 16.76 13.97 -33.65
C ARG D 20 15.43 14.30 -32.98
N LEU D 21 15.50 15.06 -31.89
CA LEU D 21 14.29 15.56 -31.23
C LEU D 21 13.41 16.35 -32.20
N TYR D 22 14.01 17.32 -32.90
CA TYR D 22 13.28 18.11 -33.88
C TYR D 22 12.80 17.24 -35.04
N GLU D 23 13.59 16.24 -35.37
CA GLU D 23 13.23 15.30 -36.41
C GLU D 23 11.97 14.53 -35.99
N CYS D 24 11.96 14.09 -34.74
CA CYS D 24 10.89 13.25 -34.23
C CYS D 24 9.54 13.96 -34.10
N ILE D 25 9.58 15.28 -33.90
CA ILE D 25 8.35 16.03 -33.71
C ILE D 25 7.75 16.56 -35.01
N GLN D 26 8.33 16.21 -36.15
CA GLN D 26 7.75 16.60 -37.43
C GLN D 26 6.43 15.85 -37.61
N SER D 27 5.40 16.53 -38.07
CA SER D 27 4.07 15.94 -38.11
C SER D 27 3.22 16.37 -39.31
N ASP D 28 2.33 15.48 -39.73
CA ASP D 28 1.35 15.80 -40.76
C ASP D 28 0.38 16.86 -40.26
N SER D 29 0.24 16.94 -38.93
CA SER D 29 -0.63 17.93 -38.30
C SER D 29 0.18 19.15 -37.87
N GLU D 30 -0.14 20.30 -38.45
CA GLU D 30 0.59 21.52 -38.16
C GLU D 30 0.45 21.96 -36.69
N THR D 31 -0.72 21.72 -36.11
CA THR D 31 -0.97 22.13 -34.73
C THR D 31 -0.13 21.32 -33.76
N ILE D 32 -0.07 20.01 -34.00
CA ILE D 32 0.71 19.11 -33.17
C ILE D 32 2.19 19.44 -33.25
N ASN D 33 2.67 19.74 -34.44
CA ASN D 33 4.07 20.11 -34.63
C ASN D 33 4.43 21.40 -33.88
N LYS D 34 3.58 22.40 -34.00
CA LYS D 34 3.83 23.68 -33.32
C LYS D 34 3.81 23.51 -31.81
N ALA D 35 2.88 22.69 -31.32
CA ALA D 35 2.75 22.44 -29.90
C ALA D 35 3.94 21.64 -29.36
N ALA D 36 4.36 20.63 -30.10
CA ALA D 36 5.52 19.84 -29.75
C ALA D 36 6.76 20.74 -29.77
N HIS D 37 6.84 21.58 -30.79
CA HIS D 37 7.94 22.53 -30.92
C HIS D 37 7.94 23.51 -29.75
N HIS D 38 6.76 23.94 -29.35
CA HIS D 38 6.62 24.87 -28.24
C HIS D 38 7.30 24.32 -26.98
N ILE D 39 6.98 23.08 -26.60
CA ILE D 39 7.58 22.49 -25.41
C ILE D 39 9.07 22.20 -25.61
N LEU D 40 9.45 21.78 -26.81
CA LEU D 40 10.83 21.45 -27.13
C LEU D 40 11.73 22.69 -27.06
N SER D 41 11.17 23.85 -27.36
CA SER D 41 11.92 25.10 -27.34
C SER D 41 11.88 25.74 -25.95
N SER D 42 11.19 25.07 -25.03
CA SER D 42 10.97 25.62 -23.70
C SER D 42 12.25 25.83 -22.89
N GLY D 43 13.40 25.51 -23.48
CA GLY D 43 14.68 25.70 -22.81
C GLY D 43 14.99 24.63 -21.78
N GLY D 44 14.75 23.37 -22.14
CA GLY D 44 15.03 22.25 -21.25
C GLY D 44 16.52 22.05 -21.02
N LYS D 45 16.85 21.40 -19.90
CA LYS D 45 18.24 21.14 -19.54
C LYS D 45 18.74 19.83 -20.15
N ARG D 46 17.82 19.02 -20.65
CA ARG D 46 18.16 17.74 -21.24
C ARG D 46 18.97 16.89 -20.26
N VAL D 47 18.56 16.91 -19.01
CA VAL D 47 19.27 16.18 -17.96
C VAL D 47 19.22 14.67 -18.18
N ARG D 48 18.08 14.17 -18.62
CA ARG D 48 17.90 12.74 -18.76
C ARG D 48 18.69 12.14 -19.93
N PRO D 49 18.74 12.84 -21.06
CA PRO D 49 19.61 12.43 -22.17
C PRO D 49 21.08 12.40 -21.74
N MET D 50 21.45 13.34 -20.89
CA MET D 50 22.81 13.40 -20.38
C MET D 50 23.18 12.17 -19.57
N PHE D 51 22.29 11.74 -18.68
CA PHE D 51 22.50 10.53 -17.89
C PHE D 51 22.52 9.29 -18.77
N VAL D 52 21.64 9.25 -19.77
CA VAL D 52 21.63 8.14 -20.73
C VAL D 52 23.00 8.04 -21.38
N LEU D 53 23.49 9.16 -21.91
CA LEU D 53 24.74 9.19 -22.64
C LEU D 53 25.92 8.76 -21.78
N LEU D 54 26.08 9.42 -20.62
CA LEU D 54 27.19 9.13 -19.72
C LEU D 54 27.17 7.68 -19.23
N SER D 55 25.98 7.14 -18.99
CA SER D 55 25.87 5.76 -18.55
C SER D 55 26.26 4.81 -19.67
N GLY D 56 25.90 5.18 -20.90
CA GLY D 56 26.23 4.39 -22.07
C GLY D 56 27.72 4.43 -22.38
N PHE D 57 28.37 5.54 -22.06
CA PHE D 57 29.79 5.69 -22.37
C PHE D 57 30.71 5.03 -21.32
N LEU D 58 30.11 4.23 -20.45
CA LEU D 58 30.90 3.49 -19.46
C LEU D 58 31.67 2.33 -20.10
N ASN D 59 31.33 2.02 -21.34
CA ASN D 59 32.18 1.16 -22.17
C ASN D 59 32.18 1.63 -23.62
N ASP D 60 33.15 1.17 -24.40
CA ASP D 60 33.31 1.60 -25.78
C ASP D 60 32.51 0.72 -26.73
N THR D 61 31.52 1.31 -27.39
CA THR D 61 30.64 0.55 -28.26
C THR D 61 30.04 1.42 -29.37
N GLN D 62 29.31 0.79 -30.27
CA GLN D 62 28.51 1.52 -31.25
C GLN D 62 27.45 2.28 -30.46
N LYS D 63 27.19 3.54 -30.83
CA LYS D 63 26.35 4.41 -30.02
C LYS D 63 24.98 4.73 -30.62
N ASP D 64 24.62 4.04 -31.69
CA ASP D 64 23.35 4.31 -32.37
C ASP D 64 22.13 4.02 -31.48
N ASP D 65 22.14 2.87 -30.80
CA ASP D 65 21.08 2.54 -29.86
C ASP D 65 21.09 3.48 -28.67
N LEU D 66 22.25 4.06 -28.39
CA LEU D 66 22.41 4.94 -27.25
C LEU D 66 21.81 6.33 -27.53
N ILE D 67 22.03 6.82 -28.73
CA ILE D 67 21.46 8.10 -29.14
C ILE D 67 19.94 8.01 -29.15
N ARG D 68 19.42 6.96 -29.76
CA ARG D 68 17.98 6.73 -29.78
C ARG D 68 17.41 6.72 -28.37
N THR D 69 18.08 6.02 -27.47
CA THR D 69 17.61 5.89 -26.10
C THR D 69 17.50 7.26 -25.41
N ALA D 70 18.55 8.05 -25.53
CA ALA D 70 18.55 9.41 -25.00
C ALA D 70 17.39 10.23 -25.56
N VAL D 71 17.16 10.11 -26.87
CA VAL D 71 16.09 10.84 -27.53
C VAL D 71 14.71 10.45 -27.00
N SER D 72 14.49 9.14 -26.87
CA SER D 72 13.21 8.64 -26.42
C SER D 72 12.89 9.05 -24.99
N LEU D 73 13.92 9.08 -24.15
CA LEU D 73 13.71 9.45 -22.76
C LEU D 73 13.32 10.92 -22.60
N GLU D 74 13.87 11.77 -23.44
CA GLU D 74 13.52 13.18 -23.42
C GLU D 74 12.11 13.38 -23.98
N LEU D 75 11.80 12.68 -25.07
CA LEU D 75 10.46 12.74 -25.63
C LEU D 75 9.42 12.32 -24.60
N VAL D 76 9.72 11.25 -23.86
CA VAL D 76 8.82 10.78 -22.82
C VAL D 76 8.73 11.79 -21.68
N HIS D 77 9.85 12.36 -21.30
CA HIS D 77 9.88 13.37 -20.24
C HIS D 77 9.07 14.59 -20.65
N MET D 78 9.23 15.02 -21.90
CA MET D 78 8.45 16.15 -22.42
C MET D 78 6.95 15.83 -22.43
N ALA D 79 6.62 14.61 -22.86
CA ALA D 79 5.22 14.16 -22.86
C ALA D 79 4.58 14.32 -21.48
N SER D 80 5.29 13.87 -20.45
CA SER D 80 4.79 13.91 -19.09
C SER D 80 4.58 15.35 -18.64
N LEU D 81 5.38 16.26 -19.20
CA LEU D 81 5.29 17.69 -18.85
C LEU D 81 4.02 18.34 -19.40
N VAL D 82 3.75 18.16 -20.69
CA VAL D 82 2.56 18.76 -21.30
C VAL D 82 1.30 18.26 -20.59
N HIS D 83 1.26 16.97 -20.28
CA HIS D 83 0.14 16.40 -19.55
C HIS D 83 0.09 16.91 -18.11
N ASP D 84 1.24 16.90 -17.45
CA ASP D 84 1.33 17.36 -16.06
C ASP D 84 0.90 18.82 -15.92
N ASP D 85 1.31 19.65 -16.86
CA ASP D 85 0.97 21.07 -16.83
C ASP D 85 -0.53 21.28 -16.97
N TYR D 86 -1.15 20.49 -17.83
CA TYR D 86 -2.58 20.61 -18.08
C TYR D 86 -3.39 20.05 -16.89
N ILE D 87 -2.94 18.94 -16.33
CA ILE D 87 -3.60 18.34 -15.19
C ILE D 87 -3.55 19.24 -13.95
N ASP D 88 -2.40 19.88 -13.75
CA ASP D 88 -2.16 20.66 -12.53
C ASP D 88 -2.55 22.13 -12.67
N ASN D 89 -2.97 22.52 -13.87
CA ASN D 89 -3.33 23.90 -14.13
C ASN D 89 -2.15 24.85 -13.98
N SER D 90 -0.98 24.40 -14.43
CA SER D 90 0.19 25.27 -14.52
C SER D 90 0.14 26.01 -15.85
N ASP D 91 -0.43 27.20 -15.84
CA ASP D 91 -0.67 27.95 -17.07
C ASP D 91 0.63 28.39 -17.73
N MET D 92 1.74 28.23 -17.01
CA MET D 92 3.02 28.69 -17.52
C MET D 92 4.16 27.73 -17.20
N ARG D 93 5.12 27.63 -18.12
CA ARG D 93 6.28 26.78 -17.90
C ARG D 93 7.58 27.51 -18.18
N ARG D 94 8.44 27.58 -17.17
CA ARG D 94 9.69 28.31 -17.28
C ARG D 94 9.44 29.76 -17.66
N GLY D 95 9.85 30.12 -18.88
CA GLY D 95 9.65 31.48 -19.36
C GLY D 95 8.75 31.51 -20.58
N ASN D 96 7.63 30.79 -20.50
CA ASN D 96 6.69 30.69 -21.62
C ASN D 96 5.38 30.05 -21.18
N THR D 97 4.30 30.35 -21.90
CA THR D 97 3.00 29.81 -21.56
C THR D 97 2.96 28.29 -21.78
N SER D 98 1.95 27.64 -21.20
CA SER D 98 1.81 26.19 -21.28
C SER D 98 1.02 25.76 -22.52
N VAL D 99 1.32 24.57 -23.01
CA VAL D 99 0.70 24.08 -24.23
C VAL D 99 -0.82 24.25 -24.23
N HIS D 100 -1.46 23.87 -23.14
CA HIS D 100 -2.92 23.92 -23.06
C HIS D 100 -3.45 25.36 -23.09
N ILE D 101 -2.65 26.30 -22.60
CA ILE D 101 -3.00 27.71 -22.68
C ILE D 101 -2.70 28.24 -24.08
N ALA D 102 -1.46 28.05 -24.51
CA ALA D 102 -1.02 28.54 -25.82
C ALA D 102 -1.86 27.97 -26.96
N PHE D 103 -2.32 26.73 -26.79
CA PHE D 103 -3.18 26.11 -27.77
C PHE D 103 -4.53 25.78 -27.15
N ASP D 104 -4.79 24.52 -26.86
CA ASP D 104 -6.02 24.17 -26.15
C ASP D 104 -5.96 22.79 -25.48
N LYS D 105 -6.99 22.49 -24.70
CA LYS D 105 -7.07 21.23 -23.97
C LYS D 105 -6.74 20.03 -24.85
N ASP D 106 -7.42 19.93 -25.98
CA ASP D 106 -7.27 18.77 -26.86
C ASP D 106 -5.87 18.63 -27.43
N THR D 107 -5.27 19.77 -27.80
CA THR D 107 -3.93 19.75 -28.39
C THR D 107 -2.90 19.29 -27.37
N ALA D 108 -3.05 19.76 -26.13
CA ALA D 108 -2.16 19.37 -25.04
C ALA D 108 -2.27 17.88 -24.78
N ILE D 109 -3.49 17.36 -24.80
CA ILE D 109 -3.71 15.95 -24.62
C ILE D 109 -3.08 15.15 -25.75
N ARG D 110 -3.34 15.58 -26.99
CA ARG D 110 -2.84 14.88 -28.17
C ARG D 110 -1.33 15.01 -28.33
N THR D 111 -0.80 16.21 -28.10
CA THR D 111 0.63 16.43 -28.20
C THR D 111 1.35 15.48 -27.25
N GLY D 112 0.85 15.39 -26.02
CA GLY D 112 1.42 14.47 -25.03
C GLY D 112 1.50 13.05 -25.55
N HIS D 113 0.39 12.55 -26.10
CA HIS D 113 0.34 11.19 -26.61
C HIS D 113 1.18 11.01 -27.86
N PHE D 114 1.23 12.06 -28.68
CA PHE D 114 2.06 12.06 -29.88
C PHE D 114 3.54 11.94 -29.49
N LEU D 115 3.96 12.69 -28.48
CA LEU D 115 5.32 12.63 -28.00
C LEU D 115 5.64 11.24 -27.46
N LEU D 116 4.69 10.67 -26.70
CA LEU D 116 4.85 9.32 -26.20
C LEU D 116 5.00 8.31 -27.34
N ALA D 117 4.17 8.46 -28.36
CA ALA D 117 4.20 7.56 -29.50
C ALA D 117 5.55 7.64 -30.23
N ARG D 118 6.02 8.87 -30.43
CA ARG D 118 7.29 9.09 -31.11
C ARG D 118 8.45 8.47 -30.34
N ALA D 119 8.42 8.60 -29.01
CA ALA D 119 9.47 8.03 -28.18
C ALA D 119 9.53 6.52 -28.35
N LEU D 120 8.38 5.86 -28.31
CA LEU D 120 8.32 4.41 -28.44
C LEU D 120 8.76 3.99 -29.84
N GLN D 121 8.29 4.74 -30.83
CA GLN D 121 8.65 4.50 -32.21
C GLN D 121 10.17 4.55 -32.35
N ASN D 122 10.78 5.53 -31.70
CA ASN D 122 12.21 5.76 -31.83
C ASN D 122 13.11 4.67 -31.24
N ILE D 123 12.60 3.92 -30.27
CA ILE D 123 13.37 2.79 -29.73
C ILE D 123 12.75 1.45 -30.10
N ALA D 124 11.77 1.48 -31.01
CA ALA D 124 11.11 0.27 -31.47
C ALA D 124 12.05 -0.59 -32.33
N THR D 125 13.13 0.01 -32.79
CA THR D 125 14.09 -0.69 -33.65
C THR D 125 15.06 -1.55 -32.86
N ILE D 126 15.19 -1.26 -31.56
CA ILE D 126 16.09 -2.03 -30.72
C ILE D 126 15.49 -3.38 -30.37
N ASN D 127 15.97 -4.42 -31.03
CA ASN D 127 15.46 -5.76 -30.83
C ASN D 127 16.04 -6.38 -29.56
N ASN D 128 15.52 -5.95 -28.41
CA ASN D 128 16.00 -6.40 -27.13
C ASN D 128 14.89 -6.36 -26.07
N SER D 129 14.38 -7.54 -25.75
CA SER D 129 13.21 -7.65 -24.89
C SER D 129 13.42 -7.01 -23.52
N LYS D 130 14.57 -7.26 -22.90
CA LYS D 130 14.84 -6.73 -21.56
C LYS D 130 14.73 -5.20 -21.56
N PHE D 131 15.29 -4.60 -22.59
CA PHE D 131 15.26 -3.14 -22.76
C PHE D 131 13.83 -2.62 -22.68
N HIS D 132 12.93 -3.24 -23.43
CA HIS D 132 11.54 -2.79 -23.47
C HIS D 132 10.77 -3.14 -22.19
N GLN D 133 11.19 -4.21 -21.53
CA GLN D 133 10.59 -4.58 -20.24
C GLN D 133 10.90 -3.52 -19.19
N ILE D 134 12.16 -3.07 -19.17
CA ILE D 134 12.58 -2.02 -18.25
C ILE D 134 11.88 -0.70 -18.54
N PHE D 135 11.82 -0.32 -19.81
CA PHE D 135 11.20 0.93 -20.20
C PHE D 135 9.71 0.94 -19.91
N SER D 136 9.01 -0.09 -20.40
CA SER D 136 7.57 -0.22 -20.15
C SER D 136 7.28 -0.23 -18.66
N LYS D 137 8.09 -0.96 -17.90
CA LYS D 137 7.97 -1.02 -16.45
C LYS D 137 8.12 0.37 -15.83
N THR D 138 9.12 1.11 -16.28
CA THR D 138 9.39 2.44 -15.77
C THR D 138 8.19 3.37 -15.97
N ILE D 139 7.62 3.37 -17.17
CA ILE D 139 6.50 4.27 -17.48
C ILE D 139 5.26 3.93 -16.67
N LEU D 140 4.99 2.63 -16.49
CA LEU D 140 3.90 2.20 -15.64
C LEU D 140 4.10 2.74 -14.22
N GLU D 141 5.29 2.52 -13.68
CA GLU D 141 5.58 2.92 -12.30
C GLU D 141 5.37 4.41 -12.11
N VAL D 142 5.77 5.20 -13.10
CA VAL D 142 5.58 6.63 -13.02
C VAL D 142 4.09 6.95 -12.95
N CYS D 143 3.30 6.28 -13.77
CA CYS D 143 1.85 6.46 -13.78
C CYS D 143 1.25 6.05 -12.44
N PHE D 144 1.68 4.90 -11.93
CA PHE D 144 1.19 4.41 -10.65
C PHE D 144 1.40 5.47 -9.56
N GLY D 145 2.61 6.04 -9.49
CA GLY D 145 2.93 7.02 -8.47
C GLY D 145 2.02 8.24 -8.58
N GLU D 146 1.68 8.58 -9.81
CA GLU D 146 0.78 9.70 -10.06
C GLU D 146 -0.61 9.39 -9.51
N PHE D 147 -1.10 8.18 -9.74
CA PHE D 147 -2.39 7.76 -9.20
C PHE D 147 -2.43 7.88 -7.68
N ASP D 148 -1.41 7.32 -7.02
CA ASP D 148 -1.34 7.38 -5.56
C ASP D 148 -1.34 8.83 -5.10
N GLN D 149 -0.61 9.66 -5.81
CA GLN D 149 -0.46 11.05 -5.46
C GLN D 149 -1.81 11.75 -5.30
N MET D 150 -2.71 11.59 -6.26
CA MET D 150 -4.03 12.21 -6.14
C MET D 150 -4.93 11.49 -5.15
N ALA D 151 -4.65 10.22 -4.89
CA ALA D 151 -5.40 9.47 -3.89
C ALA D 151 -4.97 9.88 -2.49
N ASP D 152 -3.70 10.23 -2.35
CA ASP D 152 -3.12 10.57 -1.06
C ASP D 152 -3.34 12.03 -0.69
N ARG D 153 -3.82 12.81 -1.67
CA ARG D 153 -3.98 14.24 -1.49
C ARG D 153 -4.71 14.60 -0.20
N PHE D 154 -4.06 15.41 0.63
CA PHE D 154 -4.62 15.86 1.92
C PHE D 154 -4.68 14.78 3.00
N ASN D 155 -4.40 13.54 2.62
CA ASN D 155 -4.47 12.44 3.58
C ASN D 155 -3.34 12.48 4.60
N TYR D 156 -3.67 12.13 5.85
CA TYR D 156 -2.66 12.05 6.90
C TYR D 156 -3.09 10.96 7.87
N PRO D 157 -2.12 10.22 8.42
CA PRO D 157 -0.68 10.39 8.22
C PRO D 157 -0.15 9.75 6.93
N VAL D 158 1.14 9.96 6.65
CA VAL D 158 1.81 9.38 5.50
C VAL D 158 2.99 8.56 6.00
N SER D 159 3.03 7.27 5.67
CA SER D 159 4.13 6.43 6.11
C SER D 159 5.42 6.87 5.42
N PHE D 160 6.55 6.65 6.08
CA PHE D 160 7.84 6.99 5.52
C PHE D 160 8.05 6.20 4.22
N THR D 161 7.59 4.96 4.21
CA THR D 161 7.70 4.11 3.03
C THR D 161 6.88 4.66 1.87
N ALA D 162 5.66 5.09 2.15
CA ALA D 162 4.81 5.67 1.10
C ALA D 162 5.50 6.89 0.48
N TYR D 163 6.11 7.73 1.31
CA TYR D 163 6.79 8.91 0.79
C TYR D 163 7.97 8.54 -0.12
N LEU D 164 8.72 7.51 0.26
CA LEU D 164 9.88 7.09 -0.53
C LEU D 164 9.46 6.55 -1.88
N ARG D 165 8.41 5.74 -1.90
CA ARG D 165 7.90 5.18 -3.15
C ARG D 165 7.29 6.29 -4.02
N ARG D 166 6.71 7.29 -3.36
CA ARG D 166 6.12 8.42 -4.06
C ARG D 166 7.18 9.18 -4.85
N ILE D 167 8.21 9.66 -4.17
CA ILE D 167 9.24 10.43 -4.83
C ILE D 167 10.13 9.55 -5.71
N ASN D 168 10.15 8.25 -5.43
CA ASN D 168 10.84 7.32 -6.30
C ASN D 168 10.18 7.29 -7.68
N ARG D 169 8.86 7.11 -7.69
CA ARG D 169 8.14 7.00 -8.95
C ARG D 169 7.92 8.34 -9.63
N LYS D 170 7.94 9.42 -8.85
CA LYS D 170 7.76 10.75 -9.42
C LYS D 170 8.97 11.24 -10.20
N THR D 171 10.17 10.98 -9.67
CA THR D 171 11.38 11.58 -10.23
C THR D 171 12.54 10.60 -10.40
N ALA D 172 12.76 9.76 -9.38
CA ALA D 172 13.95 8.93 -9.33
C ALA D 172 13.99 7.83 -10.40
N ILE D 173 12.88 7.12 -10.54
CA ILE D 173 12.89 5.92 -11.38
C ILE D 173 13.12 6.22 -12.86
N LEU D 174 12.71 7.41 -13.32
CA LEU D 174 12.94 7.78 -14.72
C LEU D 174 14.43 8.14 -14.92
N ILE D 175 15.05 8.67 -13.88
CA ILE D 175 16.48 8.93 -13.93
C ILE D 175 17.28 7.62 -13.82
N GLU D 176 16.82 6.74 -12.93
CA GLU D 176 17.39 5.39 -12.82
C GLU D 176 17.30 4.69 -14.17
N ALA D 177 16.11 4.73 -14.77
CA ALA D 177 15.89 4.08 -16.06
C ALA D 177 16.80 4.68 -17.13
N SER D 178 16.98 6.00 -17.09
CA SER D 178 17.87 6.67 -18.03
C SER D 178 19.23 6.02 -17.99
N CYS D 179 19.73 5.83 -16.77
CA CYS D 179 21.02 5.19 -16.56
C CYS D 179 20.99 3.72 -16.94
N HIS D 180 19.92 3.03 -16.58
CA HIS D 180 19.79 1.60 -16.82
C HIS D 180 19.66 1.28 -18.31
N LEU D 181 18.84 2.07 -19.01
CA LEU D 181 18.66 1.87 -20.44
C LEU D 181 19.88 2.33 -21.25
N GLY D 182 20.54 3.38 -20.77
CA GLY D 182 21.78 3.83 -21.39
C GLY D 182 22.82 2.73 -21.33
N ALA D 183 22.95 2.13 -20.15
CA ALA D 183 23.88 1.03 -19.94
C ALA D 183 23.57 -0.15 -20.85
N LEU D 184 22.30 -0.56 -20.87
CA LEU D 184 21.88 -1.69 -21.70
C LEU D 184 22.15 -1.47 -23.18
N SER D 185 21.82 -0.29 -23.68
CA SER D 185 21.94 -0.01 -25.10
C SER D 185 23.39 -0.07 -25.56
N SER D 186 24.31 -0.02 -24.61
CA SER D 186 25.73 -0.14 -24.93
C SER D 186 26.32 -1.40 -24.28
N GLN D 187 25.45 -2.34 -23.97
CA GLN D 187 25.84 -3.67 -23.49
C GLN D 187 26.90 -3.64 -22.39
N LEU D 188 26.67 -2.79 -21.39
CA LEU D 188 27.57 -2.68 -20.26
C LEU D 188 27.51 -3.96 -19.42
N ASP D 189 28.62 -4.32 -18.79
CA ASP D 189 28.66 -5.50 -17.94
C ASP D 189 27.68 -5.38 -16.78
N GLU D 190 27.20 -6.52 -16.30
CA GLU D 190 26.17 -6.57 -15.26
C GLU D 190 26.46 -5.70 -14.04
N GLN D 191 27.67 -5.77 -13.53
CA GLN D 191 27.97 -5.10 -12.25
C GLN D 191 28.12 -3.59 -12.38
N SER D 192 28.72 -3.12 -13.47
CA SER D 192 28.80 -1.69 -13.71
C SER D 192 27.41 -1.12 -13.93
N THR D 193 26.60 -1.89 -14.63
CA THR D 193 25.22 -1.50 -14.90
C THR D 193 24.45 -1.38 -13.59
N TYR D 194 24.58 -2.39 -12.72
CA TYR D 194 23.93 -2.34 -11.42
C TYR D 194 24.24 -1.02 -10.72
N HIS D 195 25.52 -0.67 -10.66
CA HIS D 195 25.95 0.50 -9.91
C HIS D 195 25.48 1.83 -10.49
N ILE D 196 25.54 1.97 -11.81
CA ILE D 196 25.10 3.21 -12.44
C ILE D 196 23.58 3.34 -12.35
N LYS D 197 22.90 2.18 -12.38
CA LYS D 197 21.46 2.10 -12.15
C LYS D 197 21.10 2.65 -10.77
N GLN D 198 21.80 2.18 -9.74
CA GLN D 198 21.58 2.64 -8.37
C GLN D 198 21.97 4.10 -8.18
N PHE D 199 23.06 4.52 -8.82
CA PHE D 199 23.48 5.92 -8.74
C PHE D 199 22.36 6.82 -9.24
N GLY D 200 21.74 6.42 -10.34
CA GLY D 200 20.61 7.15 -10.90
C GLY D 200 19.49 7.23 -9.88
N HIS D 201 19.18 6.11 -9.26
CA HIS D 201 18.16 6.06 -8.22
C HIS D 201 18.48 7.05 -7.10
N CYS D 202 19.69 6.95 -6.58
CA CYS D 202 20.08 7.78 -5.44
C CYS D 202 20.16 9.27 -5.73
N ILE D 203 20.62 9.64 -6.93
CA ILE D 203 20.68 11.04 -7.30
C ILE D 203 19.26 11.59 -7.51
N GLY D 204 18.41 10.77 -8.10
CA GLY D 204 17.01 11.14 -8.31
C GLY D 204 16.28 11.33 -6.98
N MET D 205 16.45 10.38 -6.08
CA MET D 205 15.85 10.47 -4.75
C MET D 205 16.36 11.71 -4.02
N SER D 206 17.68 11.89 -4.02
CA SER D 206 18.30 13.05 -3.38
C SER D 206 17.78 14.35 -3.97
N TYR D 207 17.68 14.42 -5.29
CA TYR D 207 17.25 15.63 -5.97
C TYR D 207 15.80 16.00 -5.66
N GLN D 208 14.94 14.99 -5.59
CA GLN D 208 13.52 15.24 -5.32
C GLN D 208 13.28 15.68 -3.88
N ILE D 209 14.09 15.16 -2.95
CA ILE D 209 14.01 15.60 -1.56
C ILE D 209 14.39 17.06 -1.43
N ILE D 210 15.43 17.46 -2.14
CA ILE D 210 15.84 18.85 -2.16
C ILE D 210 14.73 19.72 -2.74
N ASP D 211 14.12 19.24 -3.82
CA ASP D 211 13.04 19.98 -4.46
C ASP D 211 11.88 20.16 -3.47
N ASP D 212 11.61 19.12 -2.70
CA ASP D 212 10.58 19.20 -1.67
C ASP D 212 10.95 20.23 -0.60
N ILE D 213 12.23 20.29 -0.24
CA ILE D 213 12.70 21.29 0.72
C ILE D 213 12.51 22.69 0.16
N LEU D 214 13.06 22.95 -1.02
CA LEU D 214 12.98 24.27 -1.63
C LEU D 214 11.56 24.82 -1.66
N ASP D 215 10.58 23.95 -1.88
CA ASP D 215 9.18 24.37 -1.93
C ASP D 215 8.83 25.19 -0.68
N TYR D 216 9.48 24.87 0.44
CA TYR D 216 9.24 25.55 1.71
C TYR D 216 10.21 26.70 1.97
N THR D 217 11.48 26.51 1.59
CA THR D 217 12.55 27.44 1.98
C THR D 217 12.90 28.50 0.93
N SER D 218 12.51 28.27 -0.32
CA SER D 218 12.85 29.18 -1.39
C SER D 218 11.91 30.40 -1.43
N ASP D 219 11.99 31.18 -2.50
CA ASP D 219 11.08 32.30 -2.69
C ASP D 219 10.30 32.13 -3.99
N GLU D 220 9.18 32.83 -4.10
CA GLU D 220 8.27 32.66 -5.23
C GLU D 220 8.92 32.90 -6.58
N ALA D 221 9.77 33.93 -6.65
CA ALA D 221 10.39 34.32 -7.91
C ALA D 221 11.38 33.26 -8.41
N THR D 222 11.87 32.43 -7.50
CA THR D 222 12.83 31.40 -7.85
C THR D 222 12.11 30.12 -8.26
N LEU D 223 10.94 29.89 -7.68
CA LEU D 223 10.19 28.67 -7.93
C LEU D 223 9.25 28.80 -9.13
N GLY D 224 8.82 30.02 -9.42
CA GLY D 224 7.84 30.24 -10.48
C GLY D 224 6.45 29.93 -9.97
N LYS D 225 6.33 29.83 -8.65
CA LYS D 225 5.08 29.51 -7.98
C LYS D 225 5.19 29.89 -6.51
N PRO D 226 4.05 30.20 -5.87
CA PRO D 226 4.03 30.61 -4.47
C PRO D 226 4.80 29.64 -3.57
N VAL D 227 5.25 30.12 -2.42
CA VAL D 227 5.94 29.28 -1.46
C VAL D 227 4.95 28.40 -0.72
N GLY D 228 5.23 27.10 -0.64
CA GLY D 228 4.33 26.17 0.02
C GLY D 228 3.22 25.69 -0.90
N SER D 229 3.53 25.59 -2.18
CA SER D 229 2.58 25.13 -3.18
C SER D 229 2.23 23.66 -3.00
N ASP D 230 3.21 22.87 -2.56
CA ASP D 230 2.98 21.44 -2.35
C ASP D 230 1.87 21.22 -1.33
N ILE D 231 2.07 21.74 -0.13
CA ILE D 231 1.08 21.57 0.93
C ILE D 231 -0.26 22.19 0.55
N ARG D 232 -0.23 23.30 -0.19
CA ARG D 232 -1.45 23.98 -0.61
C ARG D 232 -2.25 23.16 -1.61
N ASN D 233 -1.55 22.29 -2.35
CA ASN D 233 -2.21 21.35 -3.25
C ASN D 233 -2.46 20.01 -2.58
N GLY D 234 -2.24 19.96 -1.28
CA GLY D 234 -2.52 18.76 -0.48
C GLY D 234 -1.43 17.72 -0.46
N HIS D 235 -0.23 18.09 -0.90
CA HIS D 235 0.89 17.16 -0.90
C HIS D 235 1.67 17.18 0.40
N ILE D 236 1.56 16.11 1.19
CA ILE D 236 2.34 15.98 2.41
C ILE D 236 3.70 15.36 2.11
N THR D 237 4.75 16.17 2.23
CA THR D 237 6.11 15.75 1.91
C THR D 237 6.98 15.62 3.16
N TYR D 238 8.18 15.07 3.00
CA TYR D 238 9.02 14.73 4.15
C TYR D 238 9.33 15.89 5.11
N PRO D 239 9.59 17.09 4.56
CA PRO D 239 9.87 18.22 5.44
C PRO D 239 8.75 18.44 6.45
N LEU D 240 7.50 18.34 5.98
CA LEU D 240 6.35 18.47 6.86
C LEU D 240 6.29 17.30 7.84
N MET D 241 6.56 16.10 7.35
CA MET D 241 6.58 14.91 8.20
C MET D 241 7.61 15.05 9.31
N ALA D 242 8.79 15.52 8.95
CA ALA D 242 9.88 15.69 9.90
C ALA D 242 9.57 16.76 10.93
N ALA D 243 8.98 17.86 10.48
CA ALA D 243 8.57 18.93 11.37
C ALA D 243 7.66 18.39 12.46
N ILE D 244 6.66 17.63 12.04
CA ILE D 244 5.71 17.03 12.98
C ILE D 244 6.42 16.13 13.98
N ALA D 245 7.27 15.24 13.49
CA ALA D 245 8.04 14.35 14.36
C ALA D 245 8.84 15.14 15.39
N ASN D 246 9.47 16.22 14.94
CA ASN D 246 10.28 17.06 15.80
C ASN D 246 9.44 17.74 16.89
N LEU D 247 8.39 18.42 16.48
CA LEU D 247 7.50 19.11 17.41
C LEU D 247 6.86 18.14 18.38
N LYS D 248 6.45 16.97 17.88
CA LYS D 248 5.82 15.96 18.72
C LYS D 248 6.76 15.53 19.83
N GLU D 249 8.04 15.42 19.50
CA GLU D 249 9.05 15.07 20.49
C GLU D 249 9.09 16.09 21.63
N GLN D 250 8.83 17.34 21.31
CA GLN D 250 8.78 18.40 22.31
C GLN D 250 7.36 18.51 22.86
N ASP D 251 6.65 17.38 22.88
CA ASP D 251 5.30 17.30 23.41
C ASP D 251 4.38 18.37 22.83
N ASP D 252 4.58 18.71 21.57
CA ASP D 252 3.73 19.67 20.87
C ASP D 252 3.01 19.00 19.71
N ASP D 253 1.69 18.88 19.83
CA ASP D 253 0.89 18.13 18.86
C ASP D 253 0.08 19.04 17.94
N LYS D 254 0.28 20.34 18.07
CA LYS D 254 -0.51 21.33 17.33
C LYS D 254 -0.42 21.15 15.82
N LEU D 255 0.81 21.11 15.29
CA LEU D 255 1.00 20.99 13.85
C LEU D 255 0.37 19.72 13.31
N GLU D 256 0.45 18.62 14.06
CA GLU D 256 -0.13 17.35 13.62
C GLU D 256 -1.65 17.41 13.53
N ALA D 257 -2.29 18.05 14.50
CA ALA D 257 -3.74 18.16 14.53
C ALA D 257 -4.26 18.99 13.36
N VAL D 258 -3.57 20.09 13.09
CA VAL D 258 -3.92 20.96 11.96
C VAL D 258 -3.88 20.19 10.64
N VAL D 259 -2.82 19.42 10.42
CA VAL D 259 -2.68 18.65 9.19
C VAL D 259 -3.72 17.55 9.07
N LYS D 260 -4.04 16.90 10.19
CA LYS D 260 -5.04 15.83 10.19
C LYS D 260 -6.38 16.30 9.64
N HIS D 261 -6.70 17.57 9.88
CA HIS D 261 -7.98 18.13 9.46
C HIS D 261 -7.84 19.03 8.23
N LEU D 262 -6.70 18.93 7.56
CA LEU D 262 -6.46 19.71 6.37
C LEU D 262 -7.27 19.18 5.18
N THR D 263 -7.98 20.07 4.50
CA THR D 263 -8.73 19.69 3.30
C THR D 263 -8.58 20.77 2.25
N SER D 264 -9.28 20.61 1.13
CA SER D 264 -9.23 21.57 0.05
C SER D 264 -9.88 22.91 0.43
N THR D 265 -10.67 22.90 1.49
CA THR D 265 -11.37 24.12 1.90
C THR D 265 -10.63 24.89 2.98
N SER D 266 -9.43 24.43 3.32
CA SER D 266 -8.60 25.11 4.32
C SER D 266 -8.17 26.49 3.80
N ASP D 267 -8.09 27.46 4.70
CA ASP D 267 -7.71 28.81 4.31
C ASP D 267 -6.19 29.02 4.34
N ASP D 268 -5.75 30.21 3.96
CA ASP D 268 -4.32 30.52 3.87
C ASP D 268 -3.62 30.63 5.22
N GLU D 269 -4.36 31.07 6.24
CA GLU D 269 -3.78 31.22 7.57
C GLU D 269 -3.22 29.88 8.04
N VAL D 270 -3.95 28.81 7.74
CA VAL D 270 -3.49 27.46 8.06
C VAL D 270 -2.18 27.16 7.35
N TYR D 271 -2.14 27.44 6.05
CA TYR D 271 -0.96 27.16 5.25
C TYR D 271 0.23 28.02 5.63
N GLN D 272 -0.03 29.25 6.05
CA GLN D 272 1.04 30.15 6.49
C GLN D 272 1.67 29.63 7.78
N TYR D 273 0.83 29.17 8.71
CA TYR D 273 1.30 28.56 9.95
C TYR D 273 2.12 27.30 9.69
N ILE D 274 1.61 26.43 8.81
CA ILE D 274 2.31 25.20 8.46
C ILE D 274 3.68 25.50 7.85
N VAL D 275 3.71 26.41 6.87
CA VAL D 275 4.96 26.77 6.22
C VAL D 275 6.03 27.20 7.21
N SER D 276 5.67 28.10 8.12
CA SER D 276 6.64 28.63 9.09
C SER D 276 7.13 27.55 10.04
N GLN D 277 6.25 26.62 10.41
CA GLN D 277 6.62 25.54 11.30
C GLN D 277 7.60 24.59 10.62
N VAL D 278 7.30 24.22 9.37
CA VAL D 278 8.19 23.36 8.61
C VAL D 278 9.52 24.08 8.38
N LYS D 279 9.44 25.37 8.08
CA LYS D 279 10.60 26.18 7.80
C LYS D 279 11.64 26.14 8.92
N GLN D 280 11.20 25.91 10.15
CA GLN D 280 12.12 25.95 11.28
C GLN D 280 12.24 24.64 12.06
N TYR D 281 11.55 23.59 11.61
CA TYR D 281 11.57 22.32 12.34
C TYR D 281 11.81 21.08 11.47
N GLY D 282 11.45 21.15 10.19
CA GLY D 282 11.55 19.97 9.34
C GLY D 282 12.60 20.02 8.25
N ILE D 283 13.38 21.09 8.22
CA ILE D 283 14.37 21.28 7.16
C ILE D 283 15.64 20.46 7.39
N GLU D 284 16.20 20.53 8.58
CA GLU D 284 17.46 19.85 8.87
C GLU D 284 17.38 18.33 8.70
N PRO D 285 16.29 17.72 9.20
CA PRO D 285 16.12 16.28 9.01
C PRO D 285 16.01 15.92 7.53
N ALA D 286 15.28 16.74 6.78
CA ALA D 286 15.13 16.51 5.35
C ALA D 286 16.47 16.58 4.62
N GLU D 287 17.31 17.54 5.02
CA GLU D 287 18.64 17.67 4.45
C GLU D 287 19.51 16.46 4.78
N LEU D 288 19.34 15.95 5.99
CA LEU D 288 20.06 14.76 6.41
C LEU D 288 19.72 13.60 5.48
N LEU D 289 18.42 13.39 5.24
CA LEU D 289 17.96 12.31 4.38
C LEU D 289 18.48 12.47 2.95
N SER D 290 18.50 13.70 2.47
CA SER D 290 18.99 13.99 1.13
C SER D 290 20.48 13.68 1.03
N ARG D 291 21.23 14.02 2.08
CA ARG D 291 22.65 13.69 2.18
C ARG D 291 22.86 12.17 2.10
N LYS D 292 22.01 11.42 2.80
CA LYS D 292 22.12 9.96 2.82
C LYS D 292 22.12 9.37 1.41
N TYR D 293 21.16 9.80 0.59
CA TYR D 293 21.07 9.33 -0.80
C TYR D 293 22.22 9.87 -1.63
N GLY D 294 22.65 11.08 -1.32
CA GLY D 294 23.79 11.66 -1.98
C GLY D 294 25.02 10.80 -1.80
N ASP D 295 25.24 10.36 -0.56
CA ASP D 295 26.41 9.56 -0.23
C ASP D 295 26.35 8.16 -0.81
N LYS D 296 25.16 7.59 -0.85
CA LYS D 296 24.96 6.32 -1.54
C LYS D 296 25.31 6.47 -3.02
N ALA D 297 24.85 7.57 -3.62
CA ALA D 297 25.16 7.84 -5.03
C ALA D 297 26.67 7.90 -5.26
N LYS D 298 27.36 8.62 -4.39
CA LYS D 298 28.82 8.69 -4.46
C LYS D 298 29.43 7.31 -4.32
N TYR D 299 28.88 6.51 -3.41
CA TYR D 299 29.37 5.16 -3.20
C TYR D 299 29.32 4.32 -4.48
N HIS D 300 28.15 4.28 -5.11
CA HIS D 300 27.98 3.48 -6.32
C HIS D 300 28.92 3.95 -7.43
N LEU D 301 29.14 5.25 -7.47
CA LEU D 301 30.03 5.84 -8.47
C LEU D 301 31.46 5.36 -8.21
N SER D 302 31.81 5.20 -6.94
CA SER D 302 33.15 4.77 -6.57
C SER D 302 33.39 3.32 -6.94
N GLN D 303 32.31 2.58 -7.18
CA GLN D 303 32.42 1.17 -7.49
C GLN D 303 32.63 0.93 -8.99
N LEU D 304 32.58 2.01 -9.76
CA LEU D 304 32.83 1.92 -11.20
C LEU D 304 34.33 2.02 -11.48
N GLN D 305 34.74 1.47 -12.61
CA GLN D 305 36.12 1.57 -13.05
C GLN D 305 36.49 3.04 -13.26
N ASP D 306 37.72 3.40 -12.90
CA ASP D 306 38.18 4.77 -13.10
C ASP D 306 38.16 5.13 -14.58
N SER D 307 37.77 6.38 -14.87
CA SER D 307 37.68 6.86 -16.24
C SER D 307 37.30 8.33 -16.23
N ASN D 308 37.35 8.97 -17.40
CA ASN D 308 36.91 10.35 -17.49
C ASN D 308 35.39 10.45 -17.37
N ILE D 309 34.68 9.44 -17.86
CA ILE D 309 33.24 9.37 -17.73
C ILE D 309 32.87 9.39 -16.25
N LYS D 310 33.60 8.61 -15.46
CA LYS D 310 33.39 8.56 -14.03
C LYS D 310 33.60 9.96 -13.41
N ASP D 311 34.63 10.66 -13.86
CA ASP D 311 34.91 12.00 -13.37
C ASP D 311 33.76 12.97 -13.69
N TYR D 312 33.21 12.83 -14.89
CA TYR D 312 32.10 13.68 -15.30
C TYR D 312 30.91 13.49 -14.36
N LEU D 313 30.60 12.23 -14.09
CA LEU D 313 29.47 11.88 -13.23
C LEU D 313 29.64 12.50 -11.84
N GLU D 314 30.85 12.43 -11.30
CA GLU D 314 31.12 13.01 -9.99
C GLU D 314 30.85 14.51 -9.99
N GLU D 315 31.31 15.19 -11.05
CA GLU D 315 31.10 16.62 -11.18
C GLU D 315 29.61 16.95 -11.23
N ILE D 316 28.85 16.12 -11.94
CA ILE D 316 27.41 16.31 -12.04
C ILE D 316 26.75 16.09 -10.67
N HIS D 317 27.28 15.12 -9.93
CA HIS D 317 26.78 14.84 -8.59
C HIS D 317 26.89 16.10 -7.73
N GLU D 318 28.04 16.76 -7.79
CA GLU D 318 28.27 17.98 -7.02
C GLU D 318 27.34 19.10 -7.46
N LYS D 319 27.12 19.22 -8.76
CA LYS D 319 26.27 20.26 -9.31
C LYS D 319 24.83 20.15 -8.78
N MET D 320 24.17 19.06 -9.15
CA MET D 320 22.75 18.89 -8.81
C MET D 320 22.47 18.85 -7.32
N LEU D 321 23.46 18.45 -6.52
CA LEU D 321 23.27 18.38 -5.08
C LEU D 321 24.06 19.46 -4.34
N LYS D 322 24.08 20.66 -4.92
CA LYS D 322 24.75 21.81 -4.30
C LYS D 322 24.09 22.19 -2.97
N ARG D 323 22.77 22.20 -2.95
CA ARG D 323 22.00 22.63 -1.79
C ARG D 323 22.43 22.00 -0.46
N VAL D 324 22.60 20.68 -0.47
CA VAL D 324 22.82 19.94 0.77
C VAL D 324 24.30 19.78 1.18
N TYR D 325 25.21 19.96 0.22
CA TYR D 325 26.64 19.86 0.52
C TYR D 325 27.26 21.25 0.71
#